data_9IBE
#
_entry.id   9IBE
#
_cell.length_a   66.633
_cell.length_b   75.34
_cell.length_c   78.234
_cell.angle_alpha   108.841
_cell.angle_beta   108.084
_cell.angle_gamma   95.526
#
_symmetry.space_group_name_H-M   'P 1'
#
loop_
_entity.id
_entity.type
_entity.pdbx_description
1 polymer 'D-2-hydroxyacid dehydrogenase'
2 non-polymer 'NADP NICOTINAMIDE-ADENINE-DINUCLEOTIDE PHOSPHATE'
3 non-polymer '2-Ketohexanoic acid'
4 non-polymer 'POTASSIUM ION'
5 non-polymer 'MAGNESIUM ION'
6 non-polymer 'CHLORIDE ION'
7 water water
#
_entity_poly.entity_id   1
_entity_poly.type   'polypeptide(L)'
_entity_poly.pdbx_seq_one_letter_code
;MHIERLAVDESVGRAMPPQRFIEALSDLGVPVEFAGEDEQFGPGDAVASFGHRDAFLDADWVHCIRAGYDEFPVGVYEEA
GTYLTNSTGIHGTTVGETVAGYMLTFARRLHAYRDAQHDHAWDLPRYEEPFTLAGERVCVVGLGTLGRGVVDRAAALGME
VVGVRRSGDPVDNVSTVYTPDRLHEAIADARFVVLATPLTDETEGMVAAPEFETMREDASLVNVARGPVVVESDLVAALD
SGDIAGAALDVFSEEPLPEDSPLWDFEDVLITPHVSAATSKYHEDVAALIRENIEKIATGDELTNRVV
;
_entity_poly.pdbx_strand_id   A,B,C,D
#
# COMPACT_ATOMS: atom_id res chain seq x y z
N MET A 1 -48.08 0.55 -28.57
CA MET A 1 -47.36 1.61 -27.84
C MET A 1 -46.85 2.66 -28.83
N HIS A 2 -46.71 3.91 -28.35
CA HIS A 2 -46.37 5.05 -29.20
C HIS A 2 -45.51 6.08 -28.43
N ILE A 3 -44.19 6.02 -28.59
CA ILE A 3 -43.31 6.80 -27.73
C ILE A 3 -43.05 8.17 -28.36
N GLU A 4 -43.10 9.20 -27.51
CA GLU A 4 -42.88 10.60 -27.92
C GLU A 4 -41.64 11.25 -27.30
N ARG A 5 -41.06 10.63 -26.27
CA ARG A 5 -39.93 11.21 -25.53
C ARG A 5 -39.19 10.08 -24.84
N LEU A 6 -37.87 10.16 -24.78
CA LEU A 6 -37.08 9.33 -23.86
C LEU A 6 -36.49 10.24 -22.77
N ALA A 7 -36.89 10.00 -21.52
CA ALA A 7 -36.28 10.65 -20.37
C ALA A 7 -35.10 9.81 -19.90
N VAL A 8 -33.97 10.46 -19.60
CA VAL A 8 -32.77 9.80 -19.08
C VAL A 8 -32.66 10.15 -17.60
N ASP A 9 -33.04 9.20 -16.73
CA ASP A 9 -32.98 9.40 -15.28
C ASP A 9 -31.52 9.61 -14.85
N GLU A 10 -31.28 10.53 -13.91
CA GLU A 10 -29.93 10.87 -13.47
C GLU A 10 -29.18 9.66 -12.87
N SER A 11 -29.89 8.63 -12.41
CA SER A 11 -29.27 7.41 -11.90
C SER A 11 -28.48 6.65 -12.94
N VAL A 12 -28.69 6.92 -14.23
CA VAL A 12 -27.80 6.31 -15.22
C VAL A 12 -26.35 6.68 -14.93
N GLY A 13 -26.07 7.79 -14.20
CA GLY A 13 -24.73 8.18 -13.78
C GLY A 13 -23.93 7.17 -12.94
N ARG A 14 -24.61 6.16 -12.41
CA ARG A 14 -23.93 5.07 -11.71
C ARG A 14 -23.17 4.20 -12.70
N ALA A 15 -23.42 4.33 -14.01
CA ALA A 15 -22.65 3.65 -15.05
C ALA A 15 -22.08 4.55 -16.14
N MET A 16 -22.70 5.71 -16.39
CA MET A 16 -22.30 6.57 -17.52
C MET A 16 -22.81 7.99 -17.31
N PRO A 17 -22.08 9.04 -17.73
CA PRO A 17 -22.60 10.40 -17.62
C PRO A 17 -23.91 10.50 -18.40
N PRO A 18 -25.04 10.95 -17.79
CA PRO A 18 -26.28 11.09 -18.55
C PRO A 18 -26.16 11.89 -19.86
N GLN A 19 -25.39 13.00 -19.85
CA GLN A 19 -25.27 13.84 -21.05
C GLN A 19 -24.61 13.06 -22.20
N ARG A 20 -23.64 12.18 -21.88
CA ARG A 20 -23.02 11.37 -22.93
C ARG A 20 -24.07 10.50 -23.62
N PHE A 21 -24.95 9.86 -22.83
CA PHE A 21 -26.00 8.99 -23.36
C PHE A 21 -27.06 9.79 -24.12
N ILE A 22 -27.48 10.93 -23.57
CA ILE A 22 -28.46 11.82 -24.24
C ILE A 22 -27.96 12.21 -25.62
N GLU A 23 -26.71 12.68 -25.70
CA GLU A 23 -26.11 13.17 -26.94
C GLU A 23 -25.92 12.03 -27.96
N ALA A 24 -25.62 10.82 -27.49
CA ALA A 24 -25.50 9.65 -28.34
C ALA A 24 -26.80 9.28 -29.08
N LEU A 25 -27.95 9.71 -28.52
CA LEU A 25 -29.26 9.45 -29.08
C LEU A 25 -29.89 10.66 -29.75
N SER A 26 -29.07 11.61 -30.20
CA SER A 26 -29.60 12.84 -30.79
C SER A 26 -30.34 12.59 -32.12
N ASP A 27 -30.12 11.44 -32.81
CA ASP A 27 -30.79 11.13 -34.06
C ASP A 27 -31.80 9.98 -33.94
N LEU A 28 -32.26 9.68 -32.72
CA LEU A 28 -33.11 8.53 -32.43
C LEU A 28 -34.45 8.61 -33.18
N GLY A 29 -34.99 9.81 -33.35
CA GLY A 29 -36.31 9.97 -33.96
C GLY A 29 -37.39 10.44 -32.97
N VAL A 30 -37.03 10.51 -31.67
CA VAL A 30 -37.83 11.14 -30.63
C VAL A 30 -36.85 11.96 -29.79
N PRO A 31 -37.27 13.06 -29.13
CA PRO A 31 -36.37 13.82 -28.29
C PRO A 31 -35.95 13.02 -27.07
N VAL A 32 -34.72 13.31 -26.61
CA VAL A 32 -34.12 12.68 -25.43
C VAL A 32 -33.71 13.77 -24.47
N GLU A 33 -34.16 13.64 -23.20
CA GLU A 33 -34.03 14.70 -22.21
C GLU A 33 -33.55 14.15 -20.89
N PHE A 34 -32.72 14.95 -20.19
CA PHE A 34 -32.27 14.69 -18.82
C PHE A 34 -33.49 14.71 -17.93
N ALA A 35 -33.60 13.73 -17.02
CA ALA A 35 -34.59 13.79 -15.95
C ALA A 35 -33.92 13.66 -14.58
N GLY A 36 -34.19 14.64 -13.71
CA GLY A 36 -33.82 14.56 -12.32
C GLY A 36 -34.74 13.63 -11.53
N GLU A 37 -34.29 13.31 -10.32
CA GLU A 37 -34.76 12.16 -9.57
C GLU A 37 -36.20 12.30 -9.06
N ASP A 38 -36.79 13.52 -9.08
CA ASP A 38 -38.14 13.72 -8.56
C ASP A 38 -39.11 14.17 -9.64
N GLU A 39 -38.78 13.94 -10.93
CA GLU A 39 -39.69 14.33 -11.99
C GLU A 39 -40.86 13.36 -12.11
N GLN A 40 -41.93 13.83 -12.77
CA GLN A 40 -43.06 12.97 -13.07
C GLN A 40 -43.11 12.72 -14.58
N PHE A 41 -43.87 11.65 -14.92
CA PHE A 41 -43.93 11.03 -16.24
C PHE A 41 -45.39 10.84 -16.63
N GLY A 42 -45.59 10.50 -17.90
CA GLY A 42 -46.92 10.30 -18.44
C GLY A 42 -46.97 9.51 -19.75
N PRO A 43 -48.17 9.39 -20.36
CA PRO A 43 -48.36 8.75 -21.65
C PRO A 43 -47.34 9.21 -22.70
N GLY A 44 -46.82 8.25 -23.49
CA GLY A 44 -45.82 8.52 -24.52
C GLY A 44 -44.37 8.56 -24.01
N ASP A 45 -44.14 8.55 -22.68
CA ASP A 45 -42.82 8.64 -22.10
C ASP A 45 -42.21 7.24 -22.04
N ALA A 46 -40.95 7.15 -22.48
CA ALA A 46 -40.01 6.10 -22.12
C ALA A 46 -39.00 6.70 -21.16
N VAL A 47 -38.44 5.85 -20.28
CA VAL A 47 -37.47 6.26 -19.30
C VAL A 47 -36.31 5.27 -19.30
N ALA A 48 -35.08 5.78 -19.39
CA ALA A 48 -33.89 4.96 -19.16
C ALA A 48 -33.41 5.22 -17.74
N SER A 49 -33.14 4.14 -16.99
CA SER A 49 -32.78 4.26 -15.59
C SER A 49 -31.89 3.09 -15.14
N PHE A 50 -31.07 3.35 -14.10
CA PHE A 50 -30.31 2.32 -13.43
C PHE A 50 -31.17 1.57 -12.42
N GLY A 51 -31.94 2.30 -11.61
CA GLY A 51 -32.80 1.76 -10.57
C GLY A 51 -34.26 2.15 -10.82
N HIS A 52 -35.16 1.53 -10.03
CA HIS A 52 -36.60 1.74 -10.12
C HIS A 52 -37.01 3.00 -9.34
N ARG A 53 -37.95 3.75 -9.92
CA ARG A 53 -38.71 4.74 -9.17
C ARG A 53 -40.21 4.49 -9.42
N ASP A 54 -41.05 4.71 -8.39
CA ASP A 54 -42.49 4.49 -8.57
C ASP A 54 -43.09 5.45 -9.60
N ALA A 55 -42.49 6.66 -9.74
CA ALA A 55 -42.92 7.66 -10.73
C ALA A 55 -42.86 7.12 -12.15
N PHE A 56 -42.00 6.11 -12.39
CA PHE A 56 -41.90 5.53 -13.71
C PHE A 56 -43.12 4.72 -14.12
N LEU A 57 -43.95 4.32 -13.17
CA LEU A 57 -45.15 3.55 -13.50
C LEU A 57 -46.18 4.41 -14.26
N ASP A 58 -46.04 5.75 -14.26
CA ASP A 58 -46.84 6.65 -15.11
C ASP A 58 -46.33 6.75 -16.57
N ALA A 59 -45.09 6.29 -16.83
CA ALA A 59 -44.56 6.16 -18.19
C ALA A 59 -45.06 4.87 -18.85
N ASP A 60 -44.83 4.74 -20.16
CA ASP A 60 -45.21 3.56 -20.94
C ASP A 60 -44.12 2.49 -20.96
N TRP A 61 -42.85 2.90 -20.74
CA TRP A 61 -41.72 2.01 -20.99
C TRP A 61 -40.53 2.46 -20.17
N VAL A 62 -39.97 1.51 -19.41
CA VAL A 62 -38.72 1.70 -18.70
C VAL A 62 -37.70 0.74 -19.29
N HIS A 63 -36.55 1.29 -19.72
CA HIS A 63 -35.38 0.53 -20.06
C HIS A 63 -34.40 0.60 -18.90
N CYS A 64 -34.21 -0.54 -18.22
CA CYS A 64 -33.17 -0.69 -17.22
C CYS A 64 -31.82 -0.85 -17.90
N ILE A 65 -30.87 0.04 -17.56
CA ILE A 65 -29.56 0.12 -18.21
C ILE A 65 -28.59 -0.93 -17.68
N ARG A 66 -29.07 -1.88 -16.83
CA ARG A 66 -28.32 -3.01 -16.32
C ARG A 66 -28.83 -4.30 -16.93
N ALA A 67 -27.98 -5.33 -16.95
CA ALA A 67 -28.41 -6.68 -17.25
C ALA A 67 -29.27 -7.23 -16.12
N GLY A 68 -28.86 -6.99 -14.88
CA GLY A 68 -29.56 -7.55 -13.72
C GLY A 68 -30.66 -6.60 -13.25
N TYR A 69 -31.90 -7.15 -13.20
CA TYR A 69 -33.11 -6.43 -12.85
C TYR A 69 -33.67 -6.89 -11.51
N ASP A 70 -32.82 -7.56 -10.70
CA ASP A 70 -33.22 -8.09 -9.41
C ASP A 70 -33.63 -7.02 -8.40
N GLU A 71 -33.30 -5.72 -8.63
CA GLU A 71 -33.76 -4.64 -7.76
C GLU A 71 -34.96 -3.90 -8.36
N PHE A 72 -35.62 -4.48 -9.38
CA PHE A 72 -36.85 -3.91 -9.92
C PHE A 72 -38.01 -4.76 -9.40
N PRO A 73 -39.13 -4.11 -8.99
CA PRO A 73 -40.37 -4.81 -8.66
C PRO A 73 -41.16 -5.21 -9.92
N VAL A 74 -40.75 -6.35 -10.54
CA VAL A 74 -41.26 -6.84 -11.83
C VAL A 74 -42.79 -6.98 -11.79
N GLY A 75 -43.32 -7.55 -10.69
CA GLY A 75 -44.75 -7.72 -10.47
C GLY A 75 -45.57 -6.47 -10.84
N VAL A 76 -45.17 -5.33 -10.25
CA VAL A 76 -45.92 -4.08 -10.28
C VAL A 76 -45.94 -3.43 -11.67
N TYR A 77 -44.96 -3.78 -12.55
CA TYR A 77 -44.88 -3.19 -13.88
C TYR A 77 -46.09 -3.60 -14.73
N GLU A 78 -46.42 -4.90 -14.67
CA GLU A 78 -47.55 -5.46 -15.41
C GLU A 78 -48.84 -4.72 -15.09
N GLU A 79 -49.08 -4.47 -13.79
CA GLU A 79 -50.30 -3.84 -13.30
C GLU A 79 -50.41 -2.41 -13.83
N ALA A 80 -49.31 -1.66 -13.81
CA ALA A 80 -49.31 -0.27 -14.27
C ALA A 80 -49.39 -0.15 -15.81
N GLY A 81 -49.27 -1.25 -16.56
CA GLY A 81 -49.15 -1.21 -18.02
C GLY A 81 -47.85 -0.55 -18.48
N THR A 82 -46.74 -0.73 -17.74
CA THR A 82 -45.43 -0.21 -18.10
C THR A 82 -44.54 -1.37 -18.53
N TYR A 83 -44.01 -1.29 -19.77
CA TYR A 83 -43.08 -2.30 -20.27
C TYR A 83 -41.75 -2.12 -19.53
N LEU A 84 -41.07 -3.23 -19.22
CA LEU A 84 -39.73 -3.17 -18.64
C LEU A 84 -38.79 -3.98 -19.51
N THR A 85 -37.68 -3.36 -19.96
CA THR A 85 -36.62 -4.06 -20.67
C THR A 85 -35.35 -3.94 -19.84
N ASN A 86 -34.42 -4.88 -20.07
CA ASN A 86 -33.10 -4.86 -19.47
C ASN A 86 -32.04 -4.78 -20.56
N SER A 87 -30.76 -4.71 -20.11
CA SER A 87 -29.63 -4.49 -20.99
C SER A 87 -28.75 -5.73 -21.09
N THR A 88 -29.29 -6.94 -20.89
CA THR A 88 -28.56 -8.14 -21.19
C THR A 88 -28.16 -8.13 -22.66
N GLY A 89 -26.98 -8.67 -22.97
CA GLY A 89 -26.47 -8.74 -24.33
C GLY A 89 -25.25 -7.87 -24.59
N ILE A 90 -24.98 -6.88 -23.71
CA ILE A 90 -23.99 -5.85 -24.03
C ILE A 90 -22.72 -5.93 -23.17
N HIS A 91 -22.65 -6.88 -22.22
CA HIS A 91 -21.56 -6.90 -21.25
C HIS A 91 -20.60 -8.06 -21.51
N GLY A 92 -20.71 -8.76 -22.65
CA GLY A 92 -19.87 -9.92 -22.86
C GLY A 92 -18.38 -9.63 -23.03
N THR A 93 -18.08 -8.54 -23.74
CA THR A 93 -16.69 -8.21 -24.00
C THR A 93 -16.04 -7.64 -22.74
N THR A 94 -16.69 -6.69 -22.09
CA THR A 94 -16.13 -6.07 -20.89
C THR A 94 -15.91 -7.14 -19.81
N VAL A 95 -16.97 -7.89 -19.46
CA VAL A 95 -16.82 -8.88 -18.40
C VAL A 95 -15.92 -10.04 -18.83
N GLY A 96 -16.04 -10.47 -20.08
CA GLY A 96 -15.16 -11.50 -20.59
C GLY A 96 -13.69 -11.12 -20.43
N GLU A 97 -13.39 -9.86 -20.83
CA GLU A 97 -12.01 -9.35 -20.68
C GLU A 97 -11.60 -9.27 -19.22
N THR A 98 -12.47 -8.71 -18.36
CA THR A 98 -12.11 -8.62 -16.95
C THR A 98 -11.76 -10.00 -16.39
N VAL A 99 -12.63 -11.00 -16.68
CA VAL A 99 -12.45 -12.32 -16.09
C VAL A 99 -11.18 -12.98 -16.65
N ALA A 100 -10.91 -12.80 -17.95
CA ALA A 100 -9.64 -13.28 -18.51
C ALA A 100 -8.49 -12.58 -17.78
N GLY A 101 -8.64 -11.27 -17.51
CA GLY A 101 -7.68 -10.53 -16.72
C GLY A 101 -7.45 -11.12 -15.32
N TYR A 102 -8.54 -11.44 -14.61
CA TYR A 102 -8.39 -12.04 -13.29
C TYR A 102 -7.60 -13.33 -13.38
N MET A 103 -8.00 -14.21 -14.33
CA MET A 103 -7.40 -15.51 -14.45
C MET A 103 -5.90 -15.43 -14.80
N LEU A 104 -5.60 -14.55 -15.77
CA LEU A 104 -4.20 -14.32 -16.12
C LEU A 104 -3.41 -13.71 -14.99
N THR A 105 -4.04 -12.84 -14.19
CA THR A 105 -3.38 -12.24 -13.05
C THR A 105 -2.96 -13.36 -12.08
N PHE A 106 -3.87 -14.30 -11.79
CA PHE A 106 -3.49 -15.39 -10.90
C PHE A 106 -2.42 -16.31 -11.49
N ALA A 107 -2.60 -16.70 -12.76
CA ALA A 107 -1.66 -17.62 -13.40
C ALA A 107 -0.25 -17.03 -13.44
N ARG A 108 -0.16 -15.75 -13.84
CA ARG A 108 1.13 -15.12 -14.10
C ARG A 108 1.64 -14.31 -12.89
N ARG A 109 0.87 -14.27 -11.79
CA ARG A 109 1.26 -13.71 -10.50
C ARG A 109 1.33 -12.17 -10.52
N LEU A 110 0.60 -11.52 -11.41
CA LEU A 110 0.74 -10.07 -11.57
C LEU A 110 0.35 -9.27 -10.33
N HIS A 111 -0.63 -9.77 -9.56
CA HIS A 111 -1.04 -9.08 -8.33
C HIS A 111 0.08 -9.10 -7.28
N ALA A 112 0.79 -10.23 -7.14
CA ALA A 112 1.90 -10.35 -6.22
C ALA A 112 2.97 -9.36 -6.65
N TYR A 113 3.23 -9.29 -7.96
CA TYR A 113 4.26 -8.37 -8.41
C TYR A 113 3.87 -6.91 -8.17
N ARG A 114 2.58 -6.57 -8.29
CA ARG A 114 2.10 -5.24 -8.00
C ARG A 114 2.34 -4.93 -6.53
N ASP A 115 2.00 -5.87 -5.66
CA ASP A 115 2.28 -5.66 -4.25
C ASP A 115 3.74 -5.38 -3.97
N ALA A 116 4.63 -6.13 -4.61
CA ALA A 116 6.06 -5.96 -4.41
C ALA A 116 6.50 -4.62 -4.99
N GLN A 117 5.84 -4.14 -6.04
CA GLN A 117 6.19 -2.87 -6.68
C GLN A 117 6.06 -1.71 -5.69
N HIS A 118 5.02 -1.76 -4.86
CA HIS A 118 4.81 -0.73 -3.85
C HIS A 118 5.97 -0.67 -2.85
N ASP A 119 6.61 -1.82 -2.60
CA ASP A 119 7.72 -1.90 -1.69
C ASP A 119 9.07 -1.76 -2.37
N HIS A 120 9.10 -1.48 -3.69
CA HIS A 120 10.35 -1.44 -4.45
C HIS A 120 11.14 -2.72 -4.28
N ALA A 121 10.44 -3.87 -4.21
CA ALA A 121 11.04 -5.15 -3.95
C ALA A 121 11.03 -6.04 -5.19
N TRP A 122 12.21 -6.58 -5.52
CA TRP A 122 12.36 -7.51 -6.64
C TRP A 122 12.16 -8.88 -6.05
N ASP A 123 10.90 -9.34 -6.06
CA ASP A 123 10.55 -10.54 -5.30
C ASP A 123 10.21 -11.63 -6.29
N LEU A 124 11.03 -12.68 -6.30
CA LEU A 124 10.87 -13.74 -7.28
C LEU A 124 9.87 -14.74 -6.73
N PRO A 125 8.96 -15.23 -7.58
CA PRO A 125 7.97 -16.19 -7.14
C PRO A 125 8.59 -17.51 -6.78
N ARG A 126 7.87 -18.28 -5.94
CA ARG A 126 8.23 -19.68 -5.75
C ARG A 126 8.11 -20.41 -7.09
N TYR A 127 8.92 -21.45 -7.27
CA TYR A 127 8.93 -22.15 -8.55
C TYR A 127 7.54 -22.62 -8.97
N GLU A 128 6.75 -23.14 -8.01
CA GLU A 128 5.44 -23.71 -8.30
C GLU A 128 4.37 -22.64 -8.51
N GLU A 129 4.61 -21.36 -8.22
CA GLU A 129 3.56 -20.36 -8.30
C GLU A 129 3.13 -20.05 -9.73
N PRO A 130 4.00 -19.68 -10.69
CA PRO A 130 3.52 -19.31 -12.00
C PRO A 130 3.12 -20.49 -12.85
N PHE A 131 1.97 -20.38 -13.52
CA PHE A 131 1.50 -21.41 -14.44
C PHE A 131 0.85 -20.76 -15.65
N THR A 132 0.36 -21.58 -16.58
CA THR A 132 -0.35 -21.10 -17.73
C THR A 132 -1.82 -21.46 -17.64
N LEU A 133 -2.66 -20.57 -18.10
CA LEU A 133 -4.06 -20.90 -18.32
C LEU A 133 -4.19 -22.02 -19.34
N ALA A 134 -3.34 -22.01 -20.36
CA ALA A 134 -3.44 -23.08 -21.34
C ALA A 134 -3.34 -24.43 -20.61
N GLY A 135 -4.32 -25.29 -20.87
CA GLY A 135 -4.34 -26.63 -20.27
C GLY A 135 -5.08 -26.71 -18.93
N GLU A 136 -5.43 -25.57 -18.31
CA GLU A 136 -6.13 -25.58 -17.03
C GLU A 136 -7.64 -25.54 -17.30
N ARG A 137 -8.39 -26.03 -16.29
CA ARG A 137 -9.85 -26.14 -16.40
C ARG A 137 -10.56 -24.98 -15.70
N VAL A 138 -11.54 -24.42 -16.41
CA VAL A 138 -12.46 -23.46 -15.84
C VAL A 138 -13.90 -23.98 -15.98
N CYS A 139 -14.70 -23.79 -14.91
CA CYS A 139 -16.12 -24.07 -14.90
C CYS A 139 -16.85 -22.73 -14.88
N VAL A 140 -17.69 -22.48 -15.87
CA VAL A 140 -18.44 -21.22 -15.94
C VAL A 140 -19.89 -21.55 -15.57
N VAL A 141 -20.36 -20.97 -14.48
CA VAL A 141 -21.70 -21.16 -13.95
C VAL A 141 -22.60 -20.03 -14.45
N GLY A 142 -23.50 -20.33 -15.38
CA GLY A 142 -24.24 -19.33 -16.12
C GLY A 142 -23.59 -19.15 -17.49
N LEU A 143 -24.33 -19.48 -18.53
CA LEU A 143 -23.85 -19.56 -19.90
C LEU A 143 -24.68 -18.68 -20.86
N GLY A 144 -24.90 -17.43 -20.42
CA GLY A 144 -25.53 -16.37 -21.18
C GLY A 144 -24.48 -15.42 -21.75
N THR A 145 -24.84 -14.12 -21.76
CA THR A 145 -23.94 -13.14 -22.36
C THR A 145 -22.61 -13.09 -21.59
N LEU A 146 -22.66 -12.96 -20.25
CA LEU A 146 -21.43 -12.94 -19.47
C LEU A 146 -20.68 -14.24 -19.62
N GLY A 147 -21.39 -15.35 -19.37
CA GLY A 147 -20.71 -16.62 -19.33
C GLY A 147 -20.08 -16.98 -20.65
N ARG A 148 -20.78 -16.70 -21.76
CA ARG A 148 -20.20 -16.98 -23.08
C ARG A 148 -18.99 -16.08 -23.37
N GLY A 149 -19.00 -14.83 -22.88
CA GLY A 149 -17.85 -13.93 -23.03
C GLY A 149 -16.62 -14.48 -22.33
N VAL A 150 -16.84 -15.13 -21.18
CA VAL A 150 -15.77 -15.79 -20.45
C VAL A 150 -15.29 -17.04 -21.20
N VAL A 151 -16.27 -17.89 -21.56
CA VAL A 151 -16.01 -19.13 -22.24
C VAL A 151 -15.15 -18.90 -23.49
N ASP A 152 -15.58 -17.96 -24.32
CA ASP A 152 -14.92 -17.84 -25.63
C ASP A 152 -13.47 -17.43 -25.44
N ARG A 153 -13.21 -16.55 -24.47
CA ARG A 153 -11.85 -16.08 -24.22
C ARG A 153 -11.00 -17.16 -23.57
N ALA A 154 -11.60 -17.88 -22.58
CA ALA A 154 -10.90 -19.00 -21.97
C ALA A 154 -10.54 -20.05 -23.02
N ALA A 155 -11.48 -20.37 -23.91
CA ALA A 155 -11.24 -21.39 -24.92
C ALA A 155 -10.10 -20.95 -25.85
N ALA A 156 -10.09 -19.67 -26.21
CA ALA A 156 -9.09 -19.18 -27.15
C ALA A 156 -7.71 -19.22 -26.47
N LEU A 157 -7.64 -19.03 -25.14
CA LEU A 157 -6.43 -19.16 -24.34
C LEU A 157 -6.00 -20.59 -24.08
N GLY A 158 -6.71 -21.60 -24.59
CA GLY A 158 -6.23 -22.97 -24.43
C GLY A 158 -6.78 -23.66 -23.20
N MET A 159 -7.74 -23.05 -22.51
CA MET A 159 -8.31 -23.69 -21.34
C MET A 159 -9.25 -24.82 -21.73
N GLU A 160 -9.42 -25.76 -20.79
CA GLU A 160 -10.51 -26.71 -20.86
C GLU A 160 -11.72 -26.09 -20.15
N VAL A 161 -12.83 -26.01 -20.85
CA VAL A 161 -13.98 -25.26 -20.40
C VAL A 161 -15.13 -26.23 -20.18
N VAL A 162 -15.72 -26.18 -18.99
CA VAL A 162 -17.00 -26.82 -18.69
C VAL A 162 -17.93 -25.76 -18.09
N GLY A 163 -19.22 -26.04 -17.97
CA GLY A 163 -20.10 -25.04 -17.43
C GLY A 163 -21.45 -25.61 -17.02
N VAL A 164 -22.24 -24.69 -16.50
CA VAL A 164 -23.51 -24.99 -15.87
C VAL A 164 -24.54 -24.04 -16.43
N ARG A 165 -25.73 -24.52 -16.79
CA ARG A 165 -26.83 -23.65 -17.16
C ARG A 165 -28.14 -24.33 -16.79
N ARG A 166 -29.24 -23.57 -16.88
CA ARG A 166 -30.53 -24.12 -16.48
C ARG A 166 -30.98 -25.22 -17.41
N SER A 167 -30.84 -25.02 -18.74
CA SER A 167 -31.43 -25.94 -19.69
C SER A 167 -30.58 -27.20 -19.86
N GLY A 168 -29.27 -27.17 -19.57
CA GLY A 168 -28.41 -28.32 -19.84
C GLY A 168 -27.95 -28.41 -21.29
N ASP A 169 -28.37 -27.53 -22.19
CA ASP A 169 -28.16 -27.69 -23.63
C ASP A 169 -26.74 -27.31 -24.00
N PRO A 170 -26.16 -27.94 -25.06
CA PRO A 170 -24.82 -27.62 -25.51
C PRO A 170 -24.61 -26.15 -25.77
N VAL A 171 -23.34 -25.73 -25.57
CA VAL A 171 -22.92 -24.35 -25.79
C VAL A 171 -21.57 -24.41 -26.51
N ASP A 172 -21.44 -23.61 -27.56
CA ASP A 172 -20.18 -23.53 -28.28
C ASP A 172 -19.04 -23.24 -27.30
N ASN A 173 -17.91 -23.95 -27.48
CA ASN A 173 -16.71 -23.80 -26.71
C ASN A 173 -16.78 -24.35 -25.28
N VAL A 174 -17.91 -24.93 -24.86
CA VAL A 174 -17.97 -25.62 -23.58
C VAL A 174 -17.96 -27.12 -23.85
N SER A 175 -16.98 -27.85 -23.35
CA SER A 175 -16.81 -29.26 -23.61
CA SER A 175 -16.86 -29.25 -23.71
C SER A 175 -17.94 -30.09 -23.02
N THR A 176 -18.34 -29.76 -21.78
CA THR A 176 -19.40 -30.45 -21.04
C THR A 176 -20.26 -29.40 -20.35
N VAL A 177 -21.57 -29.44 -20.62
CA VAL A 177 -22.56 -28.61 -19.95
C VAL A 177 -23.32 -29.50 -18.95
N TYR A 178 -23.47 -28.97 -17.73
CA TYR A 178 -24.21 -29.56 -16.63
C TYR A 178 -25.43 -28.73 -16.30
N THR A 179 -26.46 -29.39 -15.73
CA THR A 179 -27.62 -28.72 -15.16
C THR A 179 -27.29 -28.34 -13.72
N PRO A 180 -28.07 -27.44 -13.07
CA PRO A 180 -27.67 -26.91 -11.75
C PRO A 180 -27.69 -27.91 -10.61
N ASP A 181 -28.38 -29.05 -10.83
CA ASP A 181 -28.39 -30.13 -9.87
C ASP A 181 -27.09 -30.94 -9.90
N ARG A 182 -26.21 -30.68 -10.88
CA ARG A 182 -24.90 -31.31 -10.96
C ARG A 182 -23.78 -30.27 -10.82
N LEU A 183 -24.07 -29.16 -10.13
CA LEU A 183 -23.03 -28.19 -9.82
C LEU A 183 -21.79 -28.81 -9.19
N HIS A 184 -21.94 -29.71 -8.22
CA HIS A 184 -20.78 -30.24 -7.53
C HIS A 184 -19.90 -31.03 -8.48
N GLU A 185 -20.52 -31.79 -9.40
CA GLU A 185 -19.71 -32.46 -10.40
C GLU A 185 -18.98 -31.46 -11.30
N ALA A 186 -19.66 -30.39 -11.68
CA ALA A 186 -19.06 -29.41 -12.61
C ALA A 186 -17.85 -28.68 -12.02
N ILE A 187 -17.89 -28.36 -10.72
CA ILE A 187 -16.88 -27.52 -10.09
C ILE A 187 -15.70 -28.32 -9.56
N ALA A 188 -15.86 -29.64 -9.34
CA ALA A 188 -14.93 -30.40 -8.49
C ALA A 188 -13.47 -30.38 -8.96
N ASP A 189 -13.25 -30.34 -10.28
CA ASP A 189 -11.92 -30.50 -10.88
C ASP A 189 -11.51 -29.21 -11.59
N ALA A 190 -12.13 -28.08 -11.27
CA ALA A 190 -11.82 -26.85 -11.97
C ALA A 190 -10.77 -26.05 -11.22
N ARG A 191 -9.81 -25.46 -11.96
CA ARG A 191 -8.86 -24.50 -11.36
C ARG A 191 -9.53 -23.15 -11.08
N PHE A 192 -10.56 -22.79 -11.87
CA PHE A 192 -11.31 -21.56 -11.71
C PHE A 192 -12.78 -21.86 -11.85
N VAL A 193 -13.58 -21.34 -10.93
CA VAL A 193 -15.02 -21.42 -10.98
C VAL A 193 -15.57 -20.03 -11.13
N VAL A 194 -16.28 -19.73 -12.22
CA VAL A 194 -16.72 -18.38 -12.51
C VAL A 194 -18.24 -18.32 -12.40
N LEU A 195 -18.76 -17.35 -11.65
CA LEU A 195 -20.19 -17.18 -11.48
C LEU A 195 -20.68 -16.05 -12.36
N ALA A 196 -21.67 -16.35 -13.16
CA ALA A 196 -22.24 -15.49 -14.18
C ALA A 196 -23.75 -15.68 -14.35
N THR A 197 -24.46 -15.99 -13.23
CA THR A 197 -25.91 -16.17 -13.22
C THR A 197 -26.59 -14.90 -12.75
N PRO A 198 -27.88 -14.66 -13.08
CA PRO A 198 -28.67 -13.67 -12.37
C PRO A 198 -28.86 -14.09 -10.91
N LEU A 199 -29.22 -13.10 -10.08
CA LEU A 199 -29.71 -13.39 -8.75
C LEU A 199 -31.20 -13.71 -8.80
N THR A 200 -31.54 -14.97 -8.47
CA THR A 200 -32.93 -15.42 -8.43
C THR A 200 -33.16 -16.18 -7.12
N ASP A 201 -34.40 -16.61 -6.94
CA ASP A 201 -34.82 -17.57 -5.92
C ASP A 201 -33.84 -18.74 -5.82
N GLU A 202 -33.55 -19.33 -6.98
N GLU A 202 -33.53 -19.30 -6.98
CA GLU A 202 -32.78 -20.56 -7.09
CA GLU A 202 -32.76 -20.51 -7.14
C GLU A 202 -31.29 -20.28 -6.92
C GLU A 202 -31.28 -20.26 -6.91
N THR A 203 -30.76 -19.12 -7.39
CA THR A 203 -29.31 -18.89 -7.37
C THR A 203 -28.80 -18.29 -6.05
N GLU A 204 -29.67 -17.67 -5.25
CA GLU A 204 -29.22 -17.04 -4.03
C GLU A 204 -28.61 -18.10 -3.11
N GLY A 205 -27.39 -17.85 -2.58
CA GLY A 205 -26.70 -18.78 -1.70
C GLY A 205 -26.29 -20.09 -2.35
N MET A 206 -26.13 -20.09 -3.66
CA MET A 206 -25.71 -21.28 -4.39
C MET A 206 -24.33 -21.78 -3.93
N VAL A 207 -23.41 -20.83 -3.71
CA VAL A 207 -22.03 -21.15 -3.45
C VAL A 207 -21.71 -20.82 -1.99
N ALA A 208 -21.58 -21.88 -1.20
CA ALA A 208 -21.40 -21.80 0.23
C ALA A 208 -20.38 -22.83 0.69
N ALA A 209 -20.30 -23.09 2.01
CA ALA A 209 -19.32 -24.02 2.55
C ALA A 209 -19.27 -25.35 1.81
N PRO A 210 -20.40 -26.04 1.49
CA PRO A 210 -20.29 -27.35 0.82
C PRO A 210 -19.62 -27.26 -0.55
N GLU A 211 -19.89 -26.17 -1.29
CA GLU A 211 -19.26 -25.99 -2.61
C GLU A 211 -17.75 -25.74 -2.45
N PHE A 212 -17.35 -24.97 -1.42
CA PHE A 212 -15.94 -24.76 -1.16
C PHE A 212 -15.22 -26.05 -0.75
N GLU A 213 -15.94 -26.94 -0.03
CA GLU A 213 -15.41 -28.25 0.25
C GLU A 213 -15.15 -29.02 -1.04
N THR A 214 -16.10 -29.01 -1.96
CA THR A 214 -16.06 -29.76 -3.21
C THR A 214 -14.93 -29.24 -4.10
N MET A 215 -14.77 -27.92 -4.11
CA MET A 215 -13.77 -27.34 -5.02
C MET A 215 -12.35 -27.79 -4.66
N ARG A 216 -11.44 -27.73 -5.63
CA ARG A 216 -10.04 -28.02 -5.37
C ARG A 216 -9.48 -26.99 -4.40
N GLU A 217 -8.52 -27.43 -3.59
CA GLU A 217 -7.81 -26.54 -2.67
C GLU A 217 -6.97 -25.51 -3.41
N ASP A 218 -6.56 -25.80 -4.66
CA ASP A 218 -5.79 -24.85 -5.45
C ASP A 218 -6.66 -23.97 -6.35
N ALA A 219 -8.00 -24.04 -6.21
CA ALA A 219 -8.89 -23.33 -7.11
C ALA A 219 -9.20 -21.93 -6.62
N SER A 220 -9.63 -21.08 -7.56
CA SER A 220 -10.07 -19.73 -7.31
C SER A 220 -11.51 -19.54 -7.76
N LEU A 221 -12.29 -18.85 -6.92
CA LEU A 221 -13.65 -18.44 -7.26
C LEU A 221 -13.62 -17.07 -7.95
N VAL A 222 -14.41 -16.88 -9.00
CA VAL A 222 -14.61 -15.57 -9.62
C VAL A 222 -16.09 -15.28 -9.48
N ASN A 223 -16.46 -14.15 -8.89
CA ASN A 223 -17.85 -13.71 -8.87
C ASN A 223 -17.99 -12.37 -9.58
N VAL A 224 -18.62 -12.42 -10.77
CA VAL A 224 -19.00 -11.24 -11.50
C VAL A 224 -20.51 -11.14 -11.65
N ALA A 225 -21.24 -11.93 -10.85
CA ALA A 225 -22.69 -12.04 -11.00
C ALA A 225 -23.42 -11.07 -10.06
N ARG A 226 -23.77 -11.57 -8.86
CA ARG A 226 -24.26 -10.77 -7.76
C ARG A 226 -23.68 -11.33 -6.49
N GLY A 227 -23.39 -10.46 -5.52
CA GLY A 227 -22.79 -10.92 -4.28
C GLY A 227 -23.55 -12.04 -3.62
N PRO A 228 -24.90 -11.93 -3.47
CA PRO A 228 -25.63 -12.95 -2.72
C PRO A 228 -25.71 -14.32 -3.38
N VAL A 229 -25.21 -14.54 -4.61
CA VAL A 229 -25.07 -15.89 -5.13
C VAL A 229 -24.08 -16.71 -4.26
N VAL A 230 -23.14 -16.02 -3.59
CA VAL A 230 -22.20 -16.56 -2.63
C VAL A 230 -22.66 -16.26 -1.20
N VAL A 231 -22.42 -17.23 -0.29
CA VAL A 231 -22.56 -16.94 1.14
C VAL A 231 -21.21 -16.40 1.62
N GLU A 232 -21.17 -15.06 1.74
CA GLU A 232 -19.91 -14.36 1.88
C GLU A 232 -19.14 -14.81 3.11
N SER A 233 -19.82 -15.00 4.26
CA SER A 233 -19.11 -15.45 5.44
C SER A 233 -18.50 -16.84 5.27
N ASP A 234 -19.14 -17.69 4.46
CA ASP A 234 -18.59 -18.99 4.16
C ASP A 234 -17.37 -18.85 3.25
N LEU A 235 -17.40 -17.91 2.29
CA LEU A 235 -16.17 -17.67 1.51
C LEU A 235 -14.98 -17.25 2.37
N VAL A 236 -15.23 -16.32 3.29
CA VAL A 236 -14.15 -15.89 4.18
C VAL A 236 -13.58 -17.10 4.93
N ALA A 237 -14.49 -17.92 5.50
CA ALA A 237 -14.07 -19.09 6.26
C ALA A 237 -13.25 -20.04 5.40
N ALA A 238 -13.70 -20.29 4.17
CA ALA A 238 -13.00 -21.14 3.22
C ALA A 238 -11.59 -20.63 2.89
N LEU A 239 -11.46 -19.32 2.72
CA LEU A 239 -10.16 -18.72 2.44
C LEU A 239 -9.24 -18.82 3.66
N ASP A 240 -9.82 -18.58 4.85
CA ASP A 240 -9.08 -18.71 6.10
C ASP A 240 -8.53 -20.12 6.27
N SER A 241 -9.37 -21.14 5.96
CA SER A 241 -9.02 -22.54 6.22
C SER A 241 -8.18 -23.14 5.09
N GLY A 242 -8.06 -22.41 3.96
CA GLY A 242 -7.39 -22.98 2.80
C GLY A 242 -8.21 -24.04 2.07
N ASP A 243 -9.54 -23.98 2.20
CA ASP A 243 -10.42 -24.86 1.45
C ASP A 243 -10.31 -24.58 -0.05
N ILE A 244 -10.18 -23.28 -0.41
CA ILE A 244 -9.81 -22.89 -1.77
C ILE A 244 -8.65 -21.91 -1.66
N ALA A 245 -8.03 -21.56 -2.80
CA ALA A 245 -6.81 -20.79 -2.83
C ALA A 245 -7.07 -19.30 -2.82
N GLY A 246 -8.17 -18.84 -3.42
CA GLY A 246 -8.38 -17.41 -3.57
C GLY A 246 -9.61 -17.11 -4.39
N ALA A 247 -9.75 -15.83 -4.76
CA ALA A 247 -10.97 -15.39 -5.39
C ALA A 247 -10.72 -14.06 -6.10
N ALA A 248 -11.47 -13.83 -7.18
CA ALA A 248 -11.60 -12.52 -7.80
C ALA A 248 -13.07 -12.13 -7.66
N LEU A 249 -13.32 -11.04 -6.95
CA LEU A 249 -14.66 -10.65 -6.53
C LEU A 249 -14.94 -9.23 -7.01
N ASP A 250 -15.96 -9.08 -7.85
CA ASP A 250 -16.44 -7.80 -8.36
C ASP A 250 -17.74 -7.35 -7.65
N VAL A 251 -18.41 -8.27 -6.94
CA VAL A 251 -19.73 -8.07 -6.37
C VAL A 251 -19.75 -8.75 -5.00
N PHE A 252 -20.54 -8.16 -4.09
CA PHE A 252 -20.49 -8.51 -2.67
C PHE A 252 -21.91 -8.41 -2.08
N SER A 253 -22.08 -9.05 -0.92
CA SER A 253 -23.32 -9.06 -0.15
CA SER A 253 -23.44 -9.05 -0.38
C SER A 253 -23.83 -7.65 0.11
N GLU A 254 -22.87 -6.84 0.58
CA GLU A 254 -23.06 -5.43 0.82
C GLU A 254 -22.00 -4.67 0.01
N GLU A 255 -22.48 -3.68 -0.76
CA GLU A 255 -21.64 -2.84 -1.58
C GLU A 255 -21.92 -1.38 -1.23
N PRO A 256 -20.91 -0.50 -1.09
CA PRO A 256 -19.49 -0.84 -1.10
C PRO A 256 -19.10 -1.88 -0.04
N LEU A 257 -18.14 -2.74 -0.38
CA LEU A 257 -17.59 -3.72 0.55
C LEU A 257 -17.15 -3.02 1.85
N PRO A 258 -17.73 -3.34 3.03
CA PRO A 258 -17.30 -2.64 4.23
C PRO A 258 -15.82 -2.72 4.51
N GLU A 259 -15.25 -1.61 5.01
CA GLU A 259 -13.80 -1.56 5.24
C GLU A 259 -13.30 -2.64 6.20
N ASP A 260 -14.16 -3.14 7.12
CA ASP A 260 -13.74 -4.14 8.08
C ASP A 260 -13.87 -5.57 7.54
N SER A 261 -14.34 -5.76 6.30
CA SER A 261 -14.40 -7.09 5.72
C SER A 261 -13.02 -7.75 5.76
N PRO A 262 -12.87 -9.03 6.15
CA PRO A 262 -11.61 -9.74 5.97
C PRO A 262 -11.20 -9.93 4.50
N LEU A 263 -12.14 -9.77 3.55
CA LEU A 263 -11.85 -10.03 2.14
C LEU A 263 -10.73 -9.17 1.59
N TRP A 264 -10.60 -7.92 2.06
CA TRP A 264 -9.59 -7.01 1.54
C TRP A 264 -8.19 -7.57 1.75
N ASP A 265 -7.94 -8.39 2.78
CA ASP A 265 -6.58 -8.62 3.26
C ASP A 265 -5.95 -9.91 2.75
N PHE A 266 -6.69 -10.78 2.05
CA PHE A 266 -6.08 -11.97 1.50
C PHE A 266 -5.22 -11.62 0.29
N GLU A 267 -3.99 -12.14 0.25
CA GLU A 267 -3.10 -11.85 -0.87
C GLU A 267 -3.75 -12.31 -2.18
N ASP A 268 -4.31 -13.52 -2.17
CA ASP A 268 -4.88 -14.14 -3.36
C ASP A 268 -6.37 -13.87 -3.53
N VAL A 269 -6.88 -12.76 -2.96
CA VAL A 269 -8.16 -12.22 -3.36
C VAL A 269 -7.91 -10.91 -4.11
N LEU A 270 -8.63 -10.75 -5.23
CA LEU A 270 -8.71 -9.50 -5.97
C LEU A 270 -10.09 -8.92 -5.67
N ILE A 271 -10.13 -7.69 -5.13
CA ILE A 271 -11.35 -6.91 -4.98
C ILE A 271 -11.42 -5.90 -6.13
N THR A 272 -12.56 -5.87 -6.82
CA THR A 272 -12.86 -4.81 -7.75
C THR A 272 -14.24 -4.26 -7.44
N PRO A 273 -14.44 -2.94 -7.59
CA PRO A 273 -15.63 -2.28 -7.03
C PRO A 273 -16.85 -2.26 -7.95
N HIS A 274 -17.30 -3.46 -8.36
CA HIS A 274 -18.46 -3.61 -9.24
C HIS A 274 -18.26 -2.81 -10.55
N VAL A 275 -17.18 -3.17 -11.22
CA VAL A 275 -16.68 -2.49 -12.40
C VAL A 275 -16.21 -3.49 -13.45
N SER A 276 -16.58 -4.77 -13.35
CA SER A 276 -16.10 -5.73 -14.35
C SER A 276 -16.70 -5.43 -15.72
N ALA A 277 -17.83 -4.74 -15.77
CA ALA A 277 -18.48 -4.34 -17.03
C ALA A 277 -18.26 -2.85 -17.34
N ALA A 278 -17.42 -2.12 -16.60
CA ALA A 278 -17.24 -0.69 -16.83
C ALA A 278 -16.62 -0.47 -18.20
N THR A 279 -17.02 0.62 -18.86
CA THR A 279 -16.50 0.95 -20.17
C THR A 279 -16.81 2.41 -20.49
N SER A 280 -15.81 3.06 -21.08
CA SER A 280 -15.89 4.43 -21.58
C SER A 280 -16.86 4.57 -22.74
N LYS A 281 -17.36 3.47 -23.31
CA LYS A 281 -18.36 3.50 -24.36
C LYS A 281 -19.70 2.91 -23.94
N TYR A 282 -19.97 2.80 -22.63
CA TYR A 282 -21.24 2.22 -22.18
C TYR A 282 -22.41 2.96 -22.81
N HIS A 283 -22.32 4.28 -22.95
CA HIS A 283 -23.35 5.09 -23.58
C HIS A 283 -23.74 4.57 -24.96
N GLU A 284 -22.76 4.18 -25.76
CA GLU A 284 -22.96 3.70 -27.12
C GLU A 284 -23.65 2.33 -27.05
N ASP A 285 -23.21 1.48 -26.11
CA ASP A 285 -23.65 0.12 -26.03
C ASP A 285 -25.12 0.09 -25.59
N VAL A 286 -25.49 0.94 -24.62
CA VAL A 286 -26.88 1.01 -24.20
C VAL A 286 -27.74 1.69 -25.29
N ALA A 287 -27.19 2.75 -25.92
CA ALA A 287 -27.93 3.44 -26.96
C ALA A 287 -28.39 2.47 -28.06
N ALA A 288 -27.54 1.50 -28.43
CA ALA A 288 -27.88 0.55 -29.48
C ALA A 288 -29.17 -0.21 -29.10
N LEU A 289 -29.34 -0.57 -27.81
CA LEU A 289 -30.56 -1.23 -27.35
C LEU A 289 -31.78 -0.35 -27.49
N ILE A 290 -31.64 0.94 -27.14
CA ILE A 290 -32.74 1.88 -27.23
C ILE A 290 -33.18 1.99 -28.69
N ARG A 291 -32.22 2.14 -29.60
CA ARG A 291 -32.52 2.31 -30.99
C ARG A 291 -33.27 1.10 -31.54
N GLU A 292 -32.83 -0.10 -31.12
CA GLU A 292 -33.46 -1.33 -31.55
C GLU A 292 -34.91 -1.38 -31.08
N ASN A 293 -35.19 -1.06 -29.81
CA ASN A 293 -36.57 -1.12 -29.31
C ASN A 293 -37.46 0.01 -29.81
N ILE A 294 -36.90 1.18 -30.14
CA ILE A 294 -37.66 2.23 -30.79
C ILE A 294 -38.16 1.74 -32.15
N GLU A 295 -37.33 1.00 -32.91
CA GLU A 295 -37.76 0.43 -34.18
C GLU A 295 -38.88 -0.57 -33.92
N LYS A 296 -38.76 -1.41 -32.87
CA LYS A 296 -39.78 -2.40 -32.55
C LYS A 296 -41.11 -1.72 -32.19
N ILE A 297 -41.07 -0.66 -31.39
CA ILE A 297 -42.26 0.10 -31.02
C ILE A 297 -42.93 0.70 -32.27
N ALA A 298 -42.12 1.27 -33.18
CA ALA A 298 -42.65 1.93 -34.36
C ALA A 298 -43.37 0.94 -35.28
N THR A 299 -42.83 -0.28 -35.40
CA THR A 299 -43.39 -1.29 -36.30
C THR A 299 -44.39 -2.24 -35.61
N GLY A 300 -44.58 -2.13 -34.29
CA GLY A 300 -45.49 -3.02 -33.56
C GLY A 300 -44.92 -4.42 -33.32
N ASP A 301 -43.59 -4.61 -33.39
CA ASP A 301 -42.95 -5.90 -33.13
C ASP A 301 -42.70 -6.06 -31.63
N GLU A 302 -42.35 -7.29 -31.23
CA GLU A 302 -42.07 -7.58 -29.82
C GLU A 302 -40.75 -6.93 -29.44
N LEU A 303 -40.73 -6.39 -28.20
CA LEU A 303 -39.55 -5.69 -27.68
C LEU A 303 -38.47 -6.72 -27.34
N THR A 304 -37.22 -6.33 -27.60
CA THR A 304 -36.02 -7.05 -27.23
C THR A 304 -35.77 -6.87 -25.73
N ASN A 305 -35.40 -7.96 -25.05
CA ASN A 305 -35.05 -7.97 -23.63
C ASN A 305 -36.24 -7.56 -22.75
N ARG A 306 -37.45 -8.00 -23.09
CA ARG A 306 -38.60 -7.62 -22.31
C ARG A 306 -38.70 -8.56 -21.10
N VAL A 307 -38.75 -7.96 -19.90
CA VAL A 307 -38.78 -8.66 -18.63
C VAL A 307 -40.25 -8.92 -18.25
N VAL A 308 -41.05 -7.84 -18.33
CA VAL A 308 -42.49 -7.88 -18.12
C VAL A 308 -43.19 -6.76 -18.93
N MET B 1 30.87 -36.35 -33.28
CA MET B 1 30.95 -35.74 -31.93
C MET B 1 30.13 -36.56 -30.93
N HIS B 2 30.77 -36.98 -29.82
CA HIS B 2 30.35 -38.13 -29.04
C HIS B 2 30.07 -37.74 -27.58
N ILE B 3 28.81 -37.42 -27.23
CA ILE B 3 28.48 -36.91 -25.90
C ILE B 3 28.38 -38.08 -24.92
N GLU B 4 29.07 -37.93 -23.79
CA GLU B 4 29.17 -38.95 -22.76
C GLU B 4 28.56 -38.52 -21.43
N ARG B 5 28.20 -37.23 -21.28
CA ARG B 5 27.72 -36.70 -20.00
C ARG B 5 26.96 -35.41 -20.31
N LEU B 6 25.86 -35.15 -19.60
CA LEU B 6 25.27 -33.82 -19.59
C LEU B 6 25.50 -33.22 -18.21
N ALA B 7 26.26 -32.12 -18.16
CA ALA B 7 26.45 -31.33 -16.94
C ALA B 7 25.38 -30.24 -16.88
N VAL B 8 24.74 -30.10 -15.72
CA VAL B 8 23.72 -29.07 -15.47
C VAL B 8 24.38 -28.02 -14.59
N ASP B 9 24.71 -26.87 -15.18
CA ASP B 9 25.37 -25.81 -14.44
C ASP B 9 24.43 -25.27 -13.36
N GLU B 10 25.01 -24.85 -12.22
CA GLU B 10 24.23 -24.33 -11.12
C GLU B 10 23.41 -23.10 -11.51
N SER B 11 23.81 -22.34 -12.56
CA SER B 11 23.11 -21.14 -12.98
C SER B 11 21.69 -21.43 -13.46
N VAL B 12 21.37 -22.69 -13.80
CA VAL B 12 20.02 -23.01 -14.19
C VAL B 12 19.03 -22.67 -13.06
N GLY B 13 19.51 -22.60 -11.79
CA GLY B 13 18.72 -22.15 -10.67
C GLY B 13 18.04 -20.79 -10.83
N ARG B 14 18.54 -19.94 -11.73
CA ARG B 14 17.91 -18.64 -12.00
C ARG B 14 16.57 -18.80 -12.72
N ALA B 15 16.29 -19.99 -13.28
CA ALA B 15 15.00 -20.29 -13.89
C ALA B 15 14.27 -21.46 -13.20
N MET B 16 14.99 -22.42 -12.60
CA MET B 16 14.33 -23.62 -12.11
C MET B 16 15.25 -24.32 -11.13
N PRO B 17 14.73 -25.06 -10.14
CA PRO B 17 15.59 -25.79 -9.24
C PRO B 17 16.42 -26.81 -10.00
N PRO B 18 17.77 -26.84 -9.85
CA PRO B 18 18.57 -27.76 -10.65
C PRO B 18 18.18 -29.22 -10.55
N GLN B 19 17.73 -29.65 -9.35
CA GLN B 19 17.43 -31.06 -9.19
C GLN B 19 16.18 -31.46 -9.97
N ARG B 20 15.22 -30.53 -10.13
CA ARG B 20 14.01 -30.78 -10.91
C ARG B 20 14.39 -31.03 -12.37
N PHE B 21 15.34 -30.24 -12.89
CA PHE B 21 15.75 -30.37 -14.27
C PHE B 21 16.55 -31.67 -14.45
N ILE B 22 17.46 -31.95 -13.49
CA ILE B 22 18.28 -33.17 -13.56
C ILE B 22 17.38 -34.40 -13.58
N GLU B 23 16.36 -34.43 -12.71
CA GLU B 23 15.43 -35.55 -12.68
C GLU B 23 14.62 -35.69 -13.97
N ALA B 24 14.32 -34.57 -14.63
CA ALA B 24 13.58 -34.59 -15.89
C ALA B 24 14.40 -35.19 -17.05
N LEU B 25 15.72 -35.31 -16.88
CA LEU B 25 16.62 -35.80 -17.92
C LEU B 25 17.10 -37.22 -17.65
N SER B 26 16.38 -37.99 -16.80
CA SER B 26 16.69 -39.39 -16.57
C SER B 26 16.42 -40.15 -17.87
N ASP B 27 17.03 -41.29 -18.07
CA ASP B 27 16.78 -42.00 -19.33
C ASP B 27 17.25 -41.27 -20.62
N LEU B 28 18.06 -40.20 -20.51
CA LEU B 28 18.73 -39.61 -21.67
C LEU B 28 19.69 -40.53 -22.42
N GLY B 29 20.26 -41.54 -21.77
CA GLY B 29 21.24 -42.41 -22.44
C GLY B 29 22.70 -42.05 -22.14
N VAL B 30 22.89 -40.91 -21.47
CA VAL B 30 24.12 -40.51 -20.85
C VAL B 30 23.77 -40.06 -19.43
N PRO B 31 24.72 -40.11 -18.47
CA PRO B 31 24.49 -39.55 -17.15
C PRO B 31 24.33 -38.06 -17.18
N VAL B 32 23.56 -37.57 -16.21
CA VAL B 32 23.28 -36.16 -16.03
C VAL B 32 23.75 -35.79 -14.63
N GLU B 33 24.60 -34.77 -14.55
CA GLU B 33 25.29 -34.45 -13.32
C GLU B 33 25.22 -32.95 -13.06
N PHE B 34 25.00 -32.55 -11.82
CA PHE B 34 25.17 -31.16 -11.39
C PHE B 34 26.61 -30.71 -11.57
N ALA B 35 26.79 -29.47 -12.05
CA ALA B 35 28.10 -28.84 -12.11
C ALA B 35 28.06 -27.52 -11.36
N GLY B 36 28.86 -27.42 -10.28
CA GLY B 36 29.13 -26.18 -9.56
C GLY B 36 29.96 -25.22 -10.41
N GLU B 37 30.09 -24.00 -9.89
CA GLU B 37 30.45 -22.83 -10.71
C GLU B 37 31.94 -22.81 -11.09
N ASP B 38 32.78 -23.60 -10.40
CA ASP B 38 34.20 -23.65 -10.69
C ASP B 38 34.63 -25.06 -11.12
N GLU B 39 33.76 -25.83 -11.81
CA GLU B 39 34.14 -27.12 -12.35
C GLU B 39 34.75 -27.06 -13.75
N GLN B 40 35.44 -28.15 -14.11
CA GLN B 40 36.14 -28.27 -15.38
C GLN B 40 35.42 -29.24 -16.30
N PHE B 41 35.60 -29.00 -17.60
CA PHE B 41 34.95 -29.70 -18.68
C PHE B 41 35.99 -30.21 -19.65
N GLY B 42 35.54 -31.12 -20.51
CA GLY B 42 36.44 -31.77 -21.42
C GLY B 42 35.67 -32.45 -22.55
N PRO B 43 36.38 -33.07 -23.50
CA PRO B 43 35.72 -33.82 -24.56
C PRO B 43 34.66 -34.77 -24.04
N GLY B 44 33.56 -34.83 -24.79
CA GLY B 44 32.43 -35.67 -24.44
C GLY B 44 31.39 -34.97 -23.57
N ASP B 45 31.68 -33.77 -23.06
CA ASP B 45 30.75 -33.09 -22.19
C ASP B 45 29.80 -32.22 -23.00
N ALA B 46 28.51 -32.32 -22.64
CA ALA B 46 27.50 -31.33 -22.93
C ALA B 46 27.20 -30.59 -21.64
N VAL B 47 26.87 -29.30 -21.75
CA VAL B 47 26.55 -28.49 -20.59
C VAL B 47 25.26 -27.76 -20.86
N ALA B 48 24.35 -27.77 -19.86
CA ALA B 48 23.14 -26.95 -19.91
C ALA B 48 23.32 -25.84 -18.88
N SER B 49 23.13 -24.57 -19.29
CA SER B 49 23.46 -23.45 -18.44
C SER B 49 22.59 -22.25 -18.78
N PHE B 50 22.40 -21.38 -17.77
CA PHE B 50 21.75 -20.10 -17.97
C PHE B 50 22.74 -19.07 -18.47
N GLY B 51 23.87 -18.95 -17.77
CA GLY B 51 24.96 -18.06 -18.11
C GLY B 51 26.12 -18.76 -18.82
N HIS B 52 27.05 -17.94 -19.30
CA HIS B 52 28.29 -18.39 -19.92
C HIS B 52 29.42 -18.49 -18.89
N ARG B 53 30.26 -19.51 -19.00
CA ARG B 53 31.52 -19.59 -18.28
C ARG B 53 32.60 -19.98 -19.28
N ASP B 54 33.80 -19.41 -19.17
CA ASP B 54 34.88 -19.76 -20.07
C ASP B 54 35.28 -21.23 -19.98
N ALA B 55 35.10 -21.86 -18.81
CA ALA B 55 35.34 -23.29 -18.65
C ALA B 55 34.53 -24.14 -19.63
N PHE B 56 33.37 -23.63 -20.08
CA PHE B 56 32.55 -24.37 -21.03
C PHE B 56 33.22 -24.58 -22.38
N LEU B 57 34.22 -23.77 -22.74
CA LEU B 57 34.85 -23.91 -24.04
C LEU B 57 35.68 -25.22 -24.13
N ASP B 58 35.93 -25.89 -23.00
CA ASP B 58 36.53 -27.22 -23.02
C ASP B 58 35.50 -28.33 -23.32
N ALA B 59 34.20 -28.03 -23.24
CA ALA B 59 33.14 -28.97 -23.54
C ALA B 59 32.87 -28.98 -25.05
N ASP B 60 32.08 -29.97 -25.48
CA ASP B 60 31.73 -30.11 -26.89
C ASP B 60 30.49 -29.30 -27.27
N TRP B 61 29.60 -29.06 -26.29
CA TRP B 61 28.28 -28.50 -26.61
C TRP B 61 27.71 -27.85 -25.37
N VAL B 62 27.27 -26.58 -25.52
CA VAL B 62 26.55 -25.85 -24.49
C VAL B 62 25.16 -25.57 -25.02
N HIS B 63 24.16 -25.97 -24.22
CA HIS B 63 22.77 -25.62 -24.46
C HIS B 63 22.42 -24.52 -23.46
N CYS B 64 22.19 -23.32 -23.99
CA CYS B 64 21.73 -22.19 -23.20
C CYS B 64 20.24 -22.38 -22.93
N ILE B 65 19.83 -22.37 -21.66
CA ILE B 65 18.43 -22.63 -21.28
C ILE B 65 17.53 -21.42 -21.43
N ARG B 66 18.03 -20.34 -22.03
CA ARG B 66 17.30 -19.14 -22.34
C ARG B 66 17.10 -19.05 -23.85
N ALA B 67 16.07 -18.33 -24.28
CA ALA B 67 15.97 -17.93 -25.68
C ALA B 67 17.07 -16.93 -26.04
N GLY B 68 17.32 -15.98 -25.13
CA GLY B 68 18.27 -14.91 -25.40
C GLY B 68 19.66 -15.27 -24.94
N TYR B 69 20.59 -15.26 -25.91
CA TYR B 69 21.96 -15.69 -25.75
C TYR B 69 22.94 -14.52 -25.88
N ASP B 70 22.44 -13.30 -25.65
CA ASP B 70 23.22 -12.08 -25.76
C ASP B 70 24.40 -12.01 -24.77
N GLU B 71 24.35 -12.74 -23.64
CA GLU B 71 25.46 -12.74 -22.67
C GLU B 71 26.55 -13.77 -23.03
N PHE B 72 26.40 -14.52 -24.13
CA PHE B 72 27.36 -15.52 -24.54
C PHE B 72 28.25 -14.93 -25.64
N PRO B 73 29.59 -15.11 -25.56
CA PRO B 73 30.50 -14.66 -26.59
C PRO B 73 30.54 -15.65 -27.75
N VAL B 74 29.61 -15.50 -28.69
CA VAL B 74 29.40 -16.42 -29.80
C VAL B 74 30.69 -16.65 -30.61
N GLY B 75 31.53 -15.63 -30.79
CA GLY B 75 32.74 -15.73 -31.61
C GLY B 75 33.78 -16.71 -31.03
N VAL B 76 33.87 -16.73 -29.69
CA VAL B 76 34.82 -17.57 -28.99
C VAL B 76 34.37 -19.04 -29.04
N TYR B 77 33.04 -19.31 -29.10
CA TYR B 77 32.54 -20.69 -29.16
C TYR B 77 33.00 -21.37 -30.45
N GLU B 78 32.87 -20.67 -31.58
CA GLU B 78 33.29 -21.19 -32.88
C GLU B 78 34.77 -21.56 -32.89
N GLU B 79 35.60 -20.68 -32.36
CA GLU B 79 37.05 -20.90 -32.29
C GLU B 79 37.37 -22.13 -31.45
N ALA B 80 36.65 -22.32 -30.33
CA ALA B 80 36.91 -23.44 -29.43
C ALA B 80 36.30 -24.74 -29.98
N GLY B 81 35.48 -24.69 -31.03
CA GLY B 81 34.79 -25.87 -31.55
C GLY B 81 33.69 -26.39 -30.62
N THR B 82 33.12 -25.51 -29.78
CA THR B 82 32.01 -25.86 -28.89
C THR B 82 30.74 -25.38 -29.56
N TYR B 83 29.82 -26.30 -29.83
CA TYR B 83 28.48 -25.96 -30.29
C TYR B 83 27.72 -25.16 -29.25
N LEU B 84 26.90 -24.19 -29.71
CA LEU B 84 26.06 -23.40 -28.82
C LEU B 84 24.65 -23.44 -29.38
N THR B 85 23.71 -23.91 -28.54
CA THR B 85 22.28 -23.86 -28.86
C THR B 85 21.54 -23.03 -27.82
N ASN B 86 20.36 -22.54 -28.21
CA ASN B 86 19.51 -21.77 -27.31
CA ASN B 86 19.52 -21.78 -27.30
C ASN B 86 18.14 -22.44 -27.18
N SER B 87 17.26 -21.80 -26.39
CA SER B 87 15.96 -22.35 -26.06
C SER B 87 14.79 -21.57 -26.63
N THR B 88 15.03 -20.83 -27.73
CA THR B 88 13.89 -20.25 -28.44
C THR B 88 12.88 -21.34 -28.83
N GLY B 89 11.62 -20.95 -28.83
CA GLY B 89 10.53 -21.80 -29.25
C GLY B 89 9.66 -22.28 -28.08
N ILE B 90 10.06 -22.07 -26.82
CA ILE B 90 9.34 -22.63 -25.68
C ILE B 90 8.60 -21.59 -24.84
N HIS B 91 8.70 -20.29 -25.17
CA HIS B 91 8.21 -19.23 -24.30
C HIS B 91 6.97 -18.53 -24.85
N GLY B 92 6.34 -19.05 -25.90
CA GLY B 92 5.25 -18.38 -26.54
C GLY B 92 4.01 -18.28 -25.65
N THR B 93 3.72 -19.39 -24.93
CA THR B 93 2.50 -19.43 -24.15
C THR B 93 2.69 -18.57 -22.90
N THR B 94 3.79 -18.78 -22.17
CA THR B 94 4.05 -18.03 -20.93
C THR B 94 4.08 -16.52 -21.18
N VAL B 95 4.90 -16.09 -22.14
CA VAL B 95 5.05 -14.68 -22.38
C VAL B 95 3.77 -14.12 -23.03
N GLY B 96 3.16 -14.89 -23.97
CA GLY B 96 1.91 -14.44 -24.57
C GLY B 96 0.84 -14.20 -23.51
N GLU B 97 0.72 -15.12 -22.56
CA GLU B 97 -0.26 -14.93 -21.49
C GLU B 97 0.08 -13.72 -20.60
N THR B 98 1.36 -13.57 -20.23
CA THR B 98 1.75 -12.45 -19.38
C THR B 98 1.43 -11.13 -20.10
N VAL B 99 1.74 -11.03 -21.39
CA VAL B 99 1.49 -9.78 -22.10
C VAL B 99 -0.01 -9.54 -22.24
N ALA B 100 -0.79 -10.58 -22.56
CA ALA B 100 -2.24 -10.42 -22.53
C ALA B 100 -2.68 -9.92 -21.14
N GLY B 101 -2.10 -10.50 -20.09
CA GLY B 101 -2.41 -10.06 -18.73
C GLY B 101 -2.06 -8.59 -18.48
N TYR B 102 -0.91 -8.13 -19.02
CA TYR B 102 -0.55 -6.72 -18.86
C TYR B 102 -1.57 -5.80 -19.56
N MET B 103 -1.93 -6.15 -20.80
CA MET B 103 -2.84 -5.32 -21.59
C MET B 103 -4.24 -5.32 -20.97
N LEU B 104 -4.73 -6.48 -20.49
CA LEU B 104 -6.03 -6.53 -19.83
C LEU B 104 -6.00 -5.77 -18.52
N THR B 105 -4.87 -5.83 -17.79
CA THR B 105 -4.70 -5.08 -16.56
C THR B 105 -4.91 -3.60 -16.84
N PHE B 106 -4.25 -3.06 -17.88
CA PHE B 106 -4.43 -1.65 -18.17
C PHE B 106 -5.84 -1.33 -18.65
N ALA B 107 -6.42 -2.14 -19.53
CA ALA B 107 -7.73 -1.86 -20.09
C ALA B 107 -8.80 -1.89 -19.02
N ARG B 108 -8.74 -2.89 -18.14
CA ARG B 108 -9.79 -3.10 -17.17
C ARG B 108 -9.44 -2.47 -15.82
N ARG B 109 -8.24 -1.87 -15.69
CA ARG B 109 -7.85 -1.05 -14.54
C ARG B 109 -7.57 -1.92 -13.29
N LEU B 110 -7.15 -3.18 -13.52
CA LEU B 110 -6.94 -4.09 -12.41
C LEU B 110 -5.86 -3.61 -11.44
N HIS B 111 -4.82 -2.98 -11.96
CA HIS B 111 -3.74 -2.55 -11.09
C HIS B 111 -4.19 -1.42 -10.17
N ALA B 112 -4.99 -0.49 -10.69
CA ALA B 112 -5.53 0.57 -9.87
C ALA B 112 -6.43 0.02 -8.78
N TYR B 113 -7.21 -0.99 -9.12
CA TYR B 113 -8.05 -1.63 -8.11
C TYR B 113 -7.20 -2.33 -7.07
N ARG B 114 -6.12 -2.98 -7.46
CA ARG B 114 -5.25 -3.60 -6.48
C ARG B 114 -4.63 -2.56 -5.52
N ASP B 115 -4.18 -1.42 -6.06
CA ASP B 115 -3.72 -0.35 -5.19
C ASP B 115 -4.77 0.05 -4.15
N ALA B 116 -6.01 0.22 -4.60
CA ALA B 116 -7.10 0.59 -3.73
C ALA B 116 -7.38 -0.50 -2.69
N GLN B 117 -7.18 -1.77 -3.07
CA GLN B 117 -7.43 -2.87 -2.16
C GLN B 117 -6.57 -2.74 -0.91
N HIS B 118 -5.31 -2.31 -1.05
CA HIS B 118 -4.40 -2.08 0.05
C HIS B 118 -4.94 -1.03 1.03
N ASP B 119 -5.76 -0.08 0.52
CA ASP B 119 -6.30 1.01 1.30
C ASP B 119 -7.74 0.75 1.74
N HIS B 120 -8.33 -0.42 1.38
CA HIS B 120 -9.73 -0.69 1.68
C HIS B 120 -10.65 0.38 1.10
N ALA B 121 -10.27 0.89 -0.09
CA ALA B 121 -10.96 2.01 -0.70
C ALA B 121 -11.81 1.49 -1.86
N TRP B 122 -13.10 1.84 -1.89
CA TRP B 122 -13.98 1.55 -3.01
C TRP B 122 -13.95 2.70 -3.99
N ASP B 123 -12.85 2.74 -4.78
CA ASP B 123 -12.57 3.90 -5.63
C ASP B 123 -13.06 3.58 -7.03
N LEU B 124 -14.03 4.34 -7.51
CA LEU B 124 -14.61 4.10 -8.80
C LEU B 124 -13.80 4.83 -9.85
N PRO B 125 -13.55 4.14 -10.99
CA PRO B 125 -12.77 4.75 -12.04
C PRO B 125 -13.51 5.94 -12.65
N ARG B 126 -12.75 6.93 -13.17
CA ARG B 126 -13.36 7.95 -13.99
C ARG B 126 -13.96 7.26 -15.21
N TYR B 127 -15.01 7.85 -15.79
CA TYR B 127 -15.73 7.22 -16.89
C TYR B 127 -14.81 6.86 -18.05
N GLU B 128 -13.83 7.72 -18.37
CA GLU B 128 -12.94 7.47 -19.50
C GLU B 128 -11.88 6.40 -19.25
N GLU B 129 -11.67 5.96 -18.00
CA GLU B 129 -10.51 5.12 -17.75
C GLU B 129 -10.69 3.68 -18.25
N PRO B 130 -11.77 2.93 -17.98
CA PRO B 130 -11.88 1.55 -18.41
C PRO B 130 -12.19 1.43 -19.89
N PHE B 131 -11.55 0.49 -20.58
CA PHE B 131 -11.79 0.30 -22.00
C PHE B 131 -11.68 -1.18 -22.31
N THR B 132 -11.92 -1.56 -23.56
CA THR B 132 -11.75 -2.94 -23.99
C THR B 132 -10.54 -3.07 -24.91
N LEU B 133 -9.80 -4.15 -24.78
CA LEU B 133 -8.80 -4.49 -25.80
C LEU B 133 -9.45 -4.66 -27.15
N ALA B 134 -10.65 -5.26 -27.20
CA ALA B 134 -11.33 -5.44 -28.47
C ALA B 134 -11.45 -4.08 -29.17
N GLY B 135 -10.96 -4.00 -30.40
CA GLY B 135 -10.99 -2.78 -31.19
C GLY B 135 -9.75 -1.89 -31.06
N GLU B 136 -8.88 -2.17 -30.08
CA GLU B 136 -7.70 -1.35 -29.87
C GLU B 136 -6.52 -1.92 -30.67
N ARG B 137 -5.53 -1.06 -31.00
CA ARG B 137 -4.41 -1.43 -31.82
CA ARG B 137 -4.41 -1.44 -31.82
C ARG B 137 -3.17 -1.78 -30.99
N VAL B 138 -2.54 -2.89 -31.32
CA VAL B 138 -1.27 -3.27 -30.74
C VAL B 138 -0.26 -3.43 -31.90
N CYS B 139 0.94 -2.91 -31.65
CA CYS B 139 2.11 -3.10 -32.53
C CYS B 139 3.08 -4.02 -31.82
N VAL B 140 3.39 -5.17 -32.42
CA VAL B 140 4.33 -6.10 -31.83
C VAL B 140 5.63 -6.05 -32.63
N VAL B 141 6.71 -5.60 -31.98
CA VAL B 141 8.04 -5.43 -32.53
C VAL B 141 8.85 -6.68 -32.21
N GLY B 142 9.10 -7.50 -33.23
CA GLY B 142 9.68 -8.82 -33.08
C GLY B 142 8.53 -9.81 -33.20
N LEU B 143 8.58 -10.69 -34.24
CA LEU B 143 7.47 -11.56 -34.60
C LEU B 143 7.95 -13.02 -34.70
N GLY B 144 8.65 -13.45 -33.64
CA GLY B 144 9.09 -14.80 -33.44
C GLY B 144 8.22 -15.50 -32.43
N THR B 145 8.86 -16.39 -31.67
CA THR B 145 8.09 -17.18 -30.70
C THR B 145 7.36 -16.26 -29.74
N LEU B 146 8.07 -15.29 -29.11
CA LEU B 146 7.41 -14.40 -28.17
C LEU B 146 6.37 -13.56 -28.87
N GLY B 147 6.79 -12.89 -29.96
CA GLY B 147 5.89 -11.96 -30.61
C GLY B 147 4.61 -12.60 -31.12
N ARG B 148 4.75 -13.80 -31.70
CA ARG B 148 3.61 -14.53 -32.23
CA ARG B 148 3.59 -14.49 -32.22
C ARG B 148 2.71 -15.00 -31.08
N GLY B 149 3.30 -15.36 -29.95
CA GLY B 149 2.46 -15.69 -28.78
C GLY B 149 1.58 -14.52 -28.33
N VAL B 150 2.19 -13.32 -28.39
CA VAL B 150 1.42 -12.11 -28.12
C VAL B 150 0.35 -11.89 -29.19
N VAL B 151 0.78 -11.82 -30.47
CA VAL B 151 -0.12 -11.57 -31.58
C VAL B 151 -1.35 -12.50 -31.54
N ASP B 152 -1.11 -13.79 -31.36
CA ASP B 152 -2.24 -14.72 -31.52
C ASP B 152 -3.29 -14.45 -30.43
N ARG B 153 -2.85 -14.15 -29.22
CA ARG B 153 -3.74 -13.87 -28.11
C ARG B 153 -4.42 -12.51 -28.28
N ALA B 154 -3.65 -11.50 -28.71
CA ALA B 154 -4.24 -10.20 -29.02
C ALA B 154 -5.31 -10.31 -30.10
N ALA B 155 -5.03 -11.04 -31.19
CA ALA B 155 -6.00 -11.18 -32.25
C ALA B 155 -7.27 -11.87 -31.77
N ALA B 156 -7.12 -12.92 -30.97
CA ALA B 156 -8.25 -13.63 -30.42
C ALA B 156 -9.12 -12.73 -29.55
N LEU B 157 -8.52 -11.79 -28.84
CA LEU B 157 -9.24 -10.80 -28.03
C LEU B 157 -9.86 -9.67 -28.84
N GLY B 158 -9.69 -9.68 -30.16
CA GLY B 158 -10.37 -8.72 -31.03
C GLY B 158 -9.55 -7.45 -31.24
N MET B 159 -8.24 -7.47 -30.94
CA MET B 159 -7.39 -6.31 -31.19
C MET B 159 -7.03 -6.22 -32.68
N GLU B 160 -6.76 -4.99 -33.11
CA GLU B 160 -6.09 -4.73 -34.37
C GLU B 160 -4.60 -4.92 -34.16
N VAL B 161 -3.96 -5.79 -34.93
CA VAL B 161 -2.57 -6.16 -34.72
C VAL B 161 -1.72 -5.75 -35.93
N VAL B 162 -0.67 -4.96 -35.67
CA VAL B 162 0.37 -4.71 -36.66
C VAL B 162 1.68 -5.12 -36.02
N GLY B 163 2.77 -5.14 -36.80
CA GLY B 163 4.05 -5.44 -36.17
C GLY B 163 5.22 -5.20 -37.11
N VAL B 164 6.36 -5.51 -36.54
CA VAL B 164 7.65 -5.22 -37.16
C VAL B 164 8.49 -6.47 -37.06
N ARG B 165 9.20 -6.81 -38.15
CA ARG B 165 10.20 -7.85 -38.05
C ARG B 165 11.30 -7.53 -39.06
N ARG B 166 12.40 -8.23 -38.96
CA ARG B 166 13.55 -7.88 -39.79
C ARG B 166 13.23 -7.96 -41.28
N SER B 167 12.61 -9.05 -41.73
CA SER B 167 12.28 -9.30 -43.12
C SER B 167 11.13 -8.45 -43.61
N GLY B 168 10.25 -8.02 -42.71
CA GLY B 168 9.03 -7.32 -43.08
C GLY B 168 7.98 -8.25 -43.70
N ASP B 169 8.18 -9.58 -43.68
CA ASP B 169 7.32 -10.47 -44.45
C ASP B 169 6.06 -10.82 -43.63
N PRO B 170 4.96 -11.28 -44.28
CA PRO B 170 3.70 -11.47 -43.61
C PRO B 170 3.78 -12.48 -42.47
N VAL B 171 2.87 -12.28 -41.50
CA VAL B 171 2.73 -13.17 -40.37
C VAL B 171 1.22 -13.34 -40.09
N ASP B 172 0.84 -14.58 -39.84
CA ASP B 172 -0.55 -14.89 -39.50
C ASP B 172 -1.01 -14.08 -38.30
N ASN B 173 -2.22 -13.52 -38.38
CA ASN B 173 -2.84 -12.69 -37.35
C ASN B 173 -2.22 -11.30 -37.20
N VAL B 174 -1.30 -10.93 -38.10
CA VAL B 174 -0.81 -9.55 -38.17
C VAL B 174 -1.35 -8.94 -39.45
N SER B 175 -2.16 -7.87 -39.34
CA SER B 175 -2.74 -7.25 -40.52
C SER B 175 -1.69 -6.59 -41.43
N THR B 176 -0.71 -5.92 -40.83
CA THR B 176 0.34 -5.23 -41.57
C THR B 176 1.66 -5.45 -40.85
N VAL B 177 2.65 -5.93 -41.59
CA VAL B 177 4.00 -6.10 -41.10
C VAL B 177 4.88 -5.05 -41.79
N TYR B 178 5.79 -4.44 -41.01
CA TYR B 178 6.74 -3.43 -41.42
C TYR B 178 8.16 -3.91 -41.19
N THR B 179 9.08 -3.41 -42.05
CA THR B 179 10.49 -3.60 -41.77
C THR B 179 10.95 -2.66 -40.64
N PRO B 180 12.17 -2.86 -40.06
CA PRO B 180 12.61 -2.01 -38.96
C PRO B 180 12.87 -0.55 -39.30
N ASP B 181 13.09 -0.22 -40.58
N ASP B 181 13.04 -0.29 -40.60
CA ASP B 181 13.21 1.17 -40.99
CA ASP B 181 13.19 1.04 -41.13
C ASP B 181 11.84 1.82 -41.20
C ASP B 181 11.87 1.80 -41.22
N ARG B 182 10.75 1.14 -40.83
CA ARG B 182 9.42 1.72 -40.81
C ARG B 182 8.82 1.55 -39.43
N LEU B 183 9.66 1.43 -38.40
CA LEU B 183 9.18 1.28 -37.03
C LEU B 183 8.24 2.42 -36.65
N HIS B 184 8.60 3.67 -37.01
CA HIS B 184 7.81 4.81 -36.59
C HIS B 184 6.42 4.80 -37.24
N GLU B 185 6.31 4.29 -38.48
CA GLU B 185 5.00 4.07 -39.10
C GLU B 185 4.21 3.02 -38.31
N ALA B 186 4.89 1.98 -37.83
CA ALA B 186 4.23 0.88 -37.16
C ALA B 186 3.69 1.27 -35.80
N ILE B 187 4.44 2.08 -35.06
CA ILE B 187 4.07 2.34 -33.66
C ILE B 187 3.14 3.55 -33.53
N ALA B 188 3.04 4.41 -34.53
CA ALA B 188 2.49 5.74 -34.33
C ALA B 188 1.05 5.73 -33.83
N ASP B 189 0.25 4.74 -34.28
CA ASP B 189 -1.19 4.72 -34.02
C ASP B 189 -1.59 3.63 -33.02
N ALA B 190 -0.60 3.02 -32.35
CA ALA B 190 -0.89 1.87 -31.52
C ALA B 190 -1.21 2.32 -30.10
N ARG B 191 -2.17 1.66 -29.45
CA ARG B 191 -2.42 1.83 -28.02
C ARG B 191 -1.40 1.10 -27.16
N PHE B 192 -0.86 -0.01 -27.68
CA PHE B 192 0.18 -0.77 -27.02
C PHE B 192 1.30 -1.00 -28.02
N VAL B 193 2.55 -0.91 -27.57
CA VAL B 193 3.73 -1.27 -28.36
C VAL B 193 4.50 -2.30 -27.55
N VAL B 194 4.64 -3.52 -28.10
CA VAL B 194 5.23 -4.65 -27.39
C VAL B 194 6.59 -4.95 -28.01
N LEU B 195 7.63 -5.05 -27.18
CA LEU B 195 8.97 -5.37 -27.65
C LEU B 195 9.32 -6.83 -27.34
N ALA B 196 9.66 -7.57 -28.39
CA ALA B 196 9.90 -9.01 -28.38
C ALA B 196 11.04 -9.39 -29.35
N THR B 197 12.05 -8.53 -29.43
CA THR B 197 13.24 -8.79 -30.27
C THR B 197 14.37 -9.30 -29.37
N PRO B 198 15.35 -10.06 -29.93
CA PRO B 198 16.61 -10.27 -29.27
C PRO B 198 17.31 -8.94 -29.04
N LEU B 199 18.27 -8.96 -28.13
CA LEU B 199 19.24 -7.89 -27.95
C LEU B 199 20.44 -8.21 -28.85
N THR B 200 20.66 -7.30 -29.82
CA THR B 200 21.75 -7.37 -30.78
C THR B 200 22.35 -6.00 -30.92
N ASP B 201 23.44 -5.94 -31.68
CA ASP B 201 24.02 -4.64 -32.02
CA ASP B 201 24.02 -4.65 -32.00
C ASP B 201 22.99 -3.74 -32.68
N GLU B 202 22.15 -4.30 -33.55
CA GLU B 202 21.10 -3.55 -34.24
C GLU B 202 19.97 -3.10 -33.32
N THR B 203 19.50 -3.94 -32.41
CA THR B 203 18.33 -3.60 -31.60
C THR B 203 18.67 -2.80 -30.35
N GLU B 204 19.92 -2.76 -29.89
CA GLU B 204 20.24 -2.04 -28.69
C GLU B 204 19.88 -0.57 -28.83
N GLY B 205 19.12 -0.05 -27.87
CA GLY B 205 18.70 1.33 -27.93
C GLY B 205 17.69 1.65 -29.02
N MET B 206 16.98 0.65 -29.53
CA MET B 206 15.98 0.88 -30.56
C MET B 206 14.94 1.91 -30.12
N VAL B 207 14.44 1.77 -28.90
CA VAL B 207 13.35 2.56 -28.41
C VAL B 207 13.87 3.62 -27.46
N ALA B 208 13.89 4.87 -27.96
CA ALA B 208 14.50 5.98 -27.26
C ALA B 208 13.60 7.21 -27.45
N ALA B 209 14.11 8.41 -27.13
CA ALA B 209 13.28 9.60 -27.14
C ALA B 209 12.53 9.81 -28.46
N PRO B 210 13.10 9.62 -29.66
CA PRO B 210 12.31 9.79 -30.87
C PRO B 210 11.09 8.87 -30.96
N GLU B 211 11.28 7.62 -30.55
CA GLU B 211 10.19 6.64 -30.57
C GLU B 211 9.07 7.01 -29.58
N PHE B 212 9.44 7.54 -28.41
CA PHE B 212 8.44 7.98 -27.43
C PHE B 212 7.71 9.20 -27.96
N GLU B 213 8.38 10.07 -28.75
CA GLU B 213 7.74 11.21 -29.37
C GLU B 213 6.68 10.72 -30.35
N THR B 214 7.02 9.74 -31.17
CA THR B 214 6.15 9.21 -32.20
C THR B 214 4.92 8.51 -31.61
N MET B 215 5.12 7.76 -30.55
CA MET B 215 4.04 7.02 -29.91
C MET B 215 2.90 7.94 -29.51
N ARG B 216 1.68 7.42 -29.49
CA ARG B 216 0.54 8.12 -28.91
C ARG B 216 0.77 8.45 -27.43
N GLU B 217 0.31 9.64 -27.00
CA GLU B 217 0.38 10.05 -25.62
C GLU B 217 -0.40 9.11 -24.67
N ASP B 218 -1.44 8.46 -25.18
CA ASP B 218 -2.24 7.54 -24.40
C ASP B 218 -1.74 6.10 -24.49
N ALA B 219 -0.60 5.84 -25.15
CA ALA B 219 -0.12 4.49 -25.36
C ALA B 219 0.76 3.97 -24.24
N SER B 220 0.88 2.65 -24.17
CA SER B 220 1.74 2.00 -23.20
C SER B 220 2.80 1.18 -23.92
N LEU B 221 4.01 1.16 -23.36
CA LEU B 221 5.08 0.31 -23.85
C LEU B 221 5.13 -0.97 -23.02
N VAL B 222 5.27 -2.14 -23.67
CA VAL B 222 5.50 -3.40 -23.01
C VAL B 222 6.85 -3.93 -23.43
N ASN B 223 7.76 -4.15 -22.49
CA ASN B 223 9.08 -4.72 -22.76
C ASN B 223 9.21 -6.07 -22.07
N VAL B 224 9.20 -7.13 -22.89
CA VAL B 224 9.48 -8.49 -22.44
C VAL B 224 10.69 -9.06 -23.15
N ALA B 225 11.49 -8.19 -23.79
CA ALA B 225 12.62 -8.63 -24.61
C ALA B 225 13.88 -8.62 -23.75
N ARG B 226 14.65 -7.51 -23.81
CA ARG B 226 15.79 -7.23 -22.95
C ARG B 226 15.72 -5.73 -22.65
N GLY B 227 16.17 -5.38 -21.46
CA GLY B 227 16.11 -3.99 -21.00
C GLY B 227 16.76 -3.04 -22.00
N PRO B 228 18.01 -3.32 -22.45
CA PRO B 228 18.73 -2.38 -23.31
C PRO B 228 18.17 -2.19 -24.71
N VAL B 229 17.12 -2.92 -25.12
CA VAL B 229 16.40 -2.55 -26.33
C VAL B 229 15.82 -1.14 -26.20
N VAL B 230 15.51 -0.73 -24.94
CA VAL B 230 15.05 0.59 -24.59
C VAL B 230 16.20 1.40 -24.00
N VAL B 231 16.27 2.71 -24.34
CA VAL B 231 17.12 3.61 -23.62
C VAL B 231 16.36 4.01 -22.36
N GLU B 232 16.71 3.36 -21.24
CA GLU B 232 15.87 3.42 -20.03
C GLU B 232 15.68 4.85 -19.50
N SER B 233 16.73 5.67 -19.53
CA SER B 233 16.59 7.05 -19.06
C SER B 233 15.63 7.85 -19.94
N ASP B 234 15.57 7.55 -21.24
CA ASP B 234 14.58 8.17 -22.12
C ASP B 234 13.15 7.73 -21.78
N LEU B 235 12.99 6.44 -21.41
CA LEU B 235 11.69 5.95 -20.96
C LEU B 235 11.24 6.69 -19.71
N VAL B 236 12.15 6.86 -18.75
CA VAL B 236 11.79 7.61 -17.55
C VAL B 236 11.38 9.03 -17.94
N ALA B 237 12.18 9.69 -18.80
CA ALA B 237 11.83 11.04 -19.16
C ALA B 237 10.46 11.09 -19.83
N ALA B 238 10.14 10.11 -20.71
CA ALA B 238 8.87 10.06 -21.44
C ALA B 238 7.69 9.88 -20.48
N LEU B 239 7.90 9.04 -19.46
CA LEU B 239 6.88 8.81 -18.45
C LEU B 239 6.66 10.06 -17.61
N ASP B 240 7.77 10.72 -17.26
CA ASP B 240 7.68 11.95 -16.47
C ASP B 240 6.92 13.04 -17.20
N SER B 241 7.20 13.22 -18.50
CA SER B 241 6.59 14.28 -19.29
C SER B 241 5.20 13.93 -19.81
N GLY B 242 4.78 12.67 -19.71
CA GLY B 242 3.51 12.23 -20.32
C GLY B 242 3.61 12.11 -21.84
N ASP B 243 4.80 11.89 -22.36
CA ASP B 243 4.95 11.60 -23.79
C ASP B 243 4.23 10.28 -24.14
N ILE B 244 4.23 9.32 -23.19
CA ILE B 244 3.40 8.12 -23.25
C ILE B 244 2.71 7.98 -21.89
N ALA B 245 1.73 7.05 -21.82
CA ALA B 245 0.88 6.96 -20.65
C ALA B 245 1.42 6.03 -19.59
N GLY B 246 2.21 5.02 -19.97
CA GLY B 246 2.62 3.99 -19.02
C GLY B 246 3.33 2.87 -19.75
N ALA B 247 3.62 1.82 -18.97
CA ALA B 247 4.48 0.76 -19.45
C ALA B 247 4.28 -0.50 -18.61
N ALA B 248 4.46 -1.67 -19.21
CA ALA B 248 4.61 -2.90 -18.45
C ALA B 248 5.99 -3.44 -18.79
N LEU B 249 6.85 -3.53 -17.77
CA LEU B 249 8.27 -3.81 -17.93
C LEU B 249 8.67 -5.03 -17.14
N ASP B 250 9.16 -6.05 -17.84
CA ASP B 250 9.66 -7.29 -17.25
C ASP B 250 11.19 -7.33 -17.22
N VAL B 251 11.83 -6.43 -17.98
CA VAL B 251 13.28 -6.49 -18.21
C VAL B 251 13.80 -5.06 -18.15
N PHE B 252 15.06 -4.90 -17.73
CA PHE B 252 15.61 -3.59 -17.39
C PHE B 252 17.08 -3.53 -17.78
N SER B 253 17.63 -2.30 -17.92
CA SER B 253 19.02 -2.20 -18.33
C SER B 253 19.99 -2.69 -17.23
N GLU B 254 19.54 -2.62 -15.95
CA GLU B 254 20.24 -3.22 -14.82
C GLU B 254 19.21 -4.06 -14.04
N GLU B 255 19.51 -5.34 -13.85
CA GLU B 255 18.64 -6.24 -13.13
C GLU B 255 19.42 -6.92 -12.02
N PRO B 256 18.85 -7.15 -10.83
CA PRO B 256 17.54 -6.65 -10.42
C PRO B 256 17.46 -5.12 -10.53
N LEU B 257 16.26 -4.64 -10.84
CA LEU B 257 16.00 -3.21 -10.92
C LEU B 257 16.37 -2.57 -9.59
N PRO B 258 17.30 -1.59 -9.54
CA PRO B 258 17.61 -0.96 -8.27
C PRO B 258 16.38 -0.43 -7.55
N GLU B 259 16.39 -0.52 -6.21
CA GLU B 259 15.36 0.06 -5.35
C GLU B 259 15.13 1.54 -5.66
N ASP B 260 16.19 2.27 -6.06
CA ASP B 260 16.06 3.70 -6.35
C ASP B 260 15.72 4.06 -7.81
N SER B 261 15.40 3.09 -8.69
CA SER B 261 14.91 3.45 -10.02
C SER B 261 13.65 4.29 -9.88
N PRO B 262 13.47 5.35 -10.68
CA PRO B 262 12.16 6.01 -10.77
C PRO B 262 11.02 5.12 -11.28
N LEU B 263 11.32 4.03 -11.98
CA LEU B 263 10.29 3.25 -12.65
C LEU B 263 9.27 2.64 -11.67
N TRP B 264 9.66 2.36 -10.42
CA TRP B 264 8.75 1.77 -9.45
C TRP B 264 7.53 2.64 -9.18
N ASP B 265 7.70 3.95 -9.27
CA ASP B 265 6.79 4.90 -8.64
C ASP B 265 5.65 5.38 -9.52
N PHE B 266 5.59 4.98 -10.77
CA PHE B 266 4.51 5.44 -11.65
C PHE B 266 3.28 4.53 -11.50
N GLU B 267 2.10 5.14 -11.32
CA GLU B 267 0.88 4.39 -11.18
C GLU B 267 0.66 3.44 -12.36
N ASP B 268 0.86 3.96 -13.59
CA ASP B 268 0.58 3.20 -14.79
C ASP B 268 1.81 2.49 -15.37
N VAL B 269 2.84 2.24 -14.54
CA VAL B 269 3.87 1.29 -14.84
C VAL B 269 3.62 0.04 -14.02
N LEU B 270 3.66 -1.14 -14.70
CA LEU B 270 3.79 -2.43 -14.05
C LEU B 270 5.24 -2.90 -14.13
N ILE B 271 5.82 -3.21 -12.98
CA ILE B 271 7.12 -3.82 -12.86
C ILE B 271 6.95 -5.31 -12.59
N THR B 272 7.58 -6.18 -13.40
CA THR B 272 7.64 -7.58 -13.04
C THR B 272 9.10 -8.03 -13.12
N PRO B 273 9.56 -8.93 -12.20
CA PRO B 273 10.98 -9.15 -12.01
C PRO B 273 11.58 -10.20 -12.94
N HIS B 274 11.49 -9.94 -14.27
CA HIS B 274 12.01 -10.86 -15.28
C HIS B 274 11.44 -12.28 -15.09
N VAL B 275 10.11 -12.33 -15.15
CA VAL B 275 9.33 -13.53 -14.90
C VAL B 275 8.16 -13.66 -15.88
N SER B 276 8.17 -12.97 -17.03
CA SER B 276 7.08 -13.10 -17.96
C SER B 276 7.03 -14.51 -18.55
N ALA B 277 8.15 -15.22 -18.53
CA ALA B 277 8.25 -16.58 -19.05
C ALA B 277 8.34 -17.63 -17.94
N ALA B 278 8.15 -17.22 -16.67
CA ALA B 278 8.26 -18.16 -15.56
C ALA B 278 7.18 -19.24 -15.70
N THR B 279 7.51 -20.47 -15.33
CA THR B 279 6.56 -21.57 -15.36
C THR B 279 7.07 -22.72 -14.49
N SER B 280 6.15 -23.31 -13.71
CA SER B 280 6.40 -24.44 -12.85
C SER B 280 6.79 -25.67 -13.66
N LYS B 281 6.67 -25.63 -14.99
CA LYS B 281 7.03 -26.75 -15.86
C LYS B 281 8.22 -26.44 -16.77
N TYR B 282 9.03 -25.42 -16.41
CA TYR B 282 10.15 -25.02 -17.28
C TYR B 282 11.13 -26.20 -17.45
N HIS B 283 11.28 -27.03 -16.40
CA HIS B 283 12.16 -28.17 -16.44
C HIS B 283 11.76 -29.16 -17.52
N GLU B 284 10.46 -29.37 -17.71
CA GLU B 284 10.00 -30.27 -18.76
C GLU B 284 10.19 -29.63 -20.14
N ASP B 285 9.89 -28.33 -20.22
CA ASP B 285 9.96 -27.61 -21.48
C ASP B 285 11.38 -27.60 -22.04
N VAL B 286 12.36 -27.35 -21.16
CA VAL B 286 13.75 -27.35 -21.57
C VAL B 286 14.22 -28.78 -21.80
N ALA B 287 13.82 -29.72 -20.95
CA ALA B 287 14.28 -31.09 -21.13
C ALA B 287 13.93 -31.65 -22.51
N ALA B 288 12.75 -31.26 -23.04
CA ALA B 288 12.33 -31.69 -24.37
C ALA B 288 13.36 -31.25 -25.42
N LEU B 289 13.93 -30.03 -25.28
CA LEU B 289 14.91 -29.57 -26.26
C LEU B 289 16.23 -30.30 -26.13
N ILE B 290 16.63 -30.60 -24.90
CA ILE B 290 17.85 -31.36 -24.64
C ILE B 290 17.72 -32.75 -25.27
N ARG B 291 16.61 -33.46 -25.02
N ARG B 291 16.60 -33.45 -25.05
CA ARG B 291 16.42 -34.78 -25.59
CA ARG B 291 16.48 -34.80 -25.60
C ARG B 291 16.49 -34.74 -27.12
C ARG B 291 16.48 -34.76 -27.13
N GLU B 292 15.86 -33.72 -27.71
CA GLU B 292 15.86 -33.52 -29.15
C GLU B 292 17.30 -33.37 -29.68
N ASN B 293 18.10 -32.52 -29.04
CA ASN B 293 19.45 -32.23 -29.52
C ASN B 293 20.43 -33.35 -29.22
N ILE B 294 20.27 -34.06 -28.12
CA ILE B 294 21.10 -35.22 -27.87
C ILE B 294 20.96 -36.20 -29.05
N GLU B 295 19.72 -36.46 -29.48
CA GLU B 295 19.43 -37.37 -30.59
C GLU B 295 20.05 -36.83 -31.87
N LYS B 296 19.98 -35.51 -32.10
CA LYS B 296 20.51 -34.91 -33.31
C LYS B 296 22.04 -35.04 -33.38
N ILE B 297 22.73 -34.70 -32.29
CA ILE B 297 24.18 -34.83 -32.21
C ILE B 297 24.57 -36.31 -32.35
N ALA B 298 23.81 -37.23 -31.73
CA ALA B 298 24.14 -38.65 -31.76
C ALA B 298 24.07 -39.22 -33.18
N THR B 299 23.17 -38.69 -34.01
CA THR B 299 22.90 -39.22 -35.33
C THR B 299 23.53 -38.39 -36.46
N GLY B 300 24.25 -37.31 -36.12
CA GLY B 300 24.93 -36.45 -37.10
C GLY B 300 23.96 -35.56 -37.87
N ASP B 301 22.77 -35.31 -37.28
CA ASP B 301 21.85 -34.33 -37.84
C ASP B 301 22.18 -32.92 -37.36
N GLU B 302 21.61 -31.94 -38.09
CA GLU B 302 21.72 -30.54 -37.72
C GLU B 302 21.00 -30.31 -36.39
N LEU B 303 21.67 -29.62 -35.45
CA LEU B 303 21.10 -29.30 -34.16
C LEU B 303 19.97 -28.28 -34.34
N THR B 304 18.98 -28.40 -33.44
CA THR B 304 17.91 -27.43 -33.34
C THR B 304 18.42 -26.22 -32.57
N ASN B 305 18.12 -25.02 -33.08
CA ASN B 305 18.45 -23.77 -32.41
C ASN B 305 19.97 -23.61 -32.25
N ARG B 306 20.72 -23.93 -33.30
CA ARG B 306 22.17 -23.82 -33.22
C ARG B 306 22.54 -22.37 -33.52
N VAL B 307 23.28 -21.75 -32.60
CA VAL B 307 23.70 -20.36 -32.71
C VAL B 307 25.03 -20.29 -33.45
N VAL B 308 25.97 -21.12 -33.00
CA VAL B 308 27.28 -21.27 -33.63
C VAL B 308 27.86 -22.68 -33.36
N MET C 1 -38.05 20.47 7.50
CA MET C 1 -37.39 21.51 8.35
C MET C 1 -36.79 22.59 7.45
N HIS C 2 -36.91 23.87 7.88
CA HIS C 2 -36.50 25.02 7.07
C HIS C 2 -35.63 25.96 7.92
N ILE C 3 -34.30 25.86 7.76
CA ILE C 3 -33.39 26.60 8.60
C ILE C 3 -33.16 27.95 7.94
N GLU C 4 -33.32 29.00 8.74
CA GLU C 4 -33.14 30.39 8.31
C GLU C 4 -31.94 31.08 8.93
N ARG C 5 -31.29 30.50 9.93
CA ARG C 5 -30.20 31.17 10.62
C ARG C 5 -29.43 30.10 11.36
N LEU C 6 -28.08 30.27 11.46
CA LEU C 6 -27.25 29.47 12.34
C LEU C 6 -26.69 30.40 13.41
N ALA C 7 -27.15 30.19 14.65
CA ALA C 7 -26.62 30.89 15.80
C ALA C 7 -25.40 30.14 16.31
N VAL C 8 -24.36 30.88 16.71
CA VAL C 8 -23.12 30.28 17.21
C VAL C 8 -22.98 30.65 18.67
N ASP C 9 -23.26 29.69 19.55
CA ASP C 9 -23.23 29.93 20.98
C ASP C 9 -21.81 30.25 21.42
N GLU C 10 -21.68 31.15 22.39
CA GLU C 10 -20.36 31.54 22.85
C GLU C 10 -19.52 30.40 23.46
N SER C 11 -20.18 29.30 23.90
CA SER C 11 -19.47 28.15 24.44
C SER C 11 -18.62 27.44 23.40
N VAL C 12 -18.78 27.75 22.09
CA VAL C 12 -17.92 27.13 21.10
C VAL C 12 -16.46 27.55 21.36
N GLY C 13 -16.28 28.70 22.02
CA GLY C 13 -14.96 29.17 22.46
C GLY C 13 -14.12 28.16 23.25
N ARG C 14 -14.72 27.14 23.88
CA ARG C 14 -13.97 26.08 24.56
C ARG C 14 -13.18 25.22 23.56
N ALA C 15 -13.42 25.31 22.24
CA ALA C 15 -12.69 24.58 21.22
C ALA C 15 -12.22 25.46 20.05
N MET C 16 -12.86 26.62 19.81
CA MET C 16 -12.50 27.44 18.65
C MET C 16 -13.02 28.86 18.79
N PRO C 17 -12.34 29.88 18.22
CA PRO C 17 -12.86 31.25 18.32
C PRO C 17 -14.19 31.38 17.59
N PRO C 18 -15.30 31.81 18.22
CA PRO C 18 -16.59 31.92 17.52
C PRO C 18 -16.52 32.66 16.19
N GLN C 19 -15.76 33.76 16.12
CA GLN C 19 -15.70 34.56 14.91
C GLN C 19 -15.02 33.80 13.77
N ARG C 20 -14.07 32.91 14.09
CA ARG C 20 -13.39 32.13 13.07
C ARG C 20 -14.37 31.15 12.42
N PHE C 21 -15.19 30.50 13.25
CA PHE C 21 -16.24 29.60 12.80
C PHE C 21 -17.28 30.34 12.00
N ILE C 22 -17.74 31.50 12.49
CA ILE C 22 -18.74 32.31 11.78
C ILE C 22 -18.23 32.67 10.39
N GLU C 23 -16.98 33.12 10.29
CA GLU C 23 -16.38 33.52 9.03
C GLU C 23 -16.21 32.32 8.11
N ALA C 24 -15.90 31.14 8.65
CA ALA C 24 -15.75 29.93 7.85
C ALA C 24 -17.03 29.56 7.10
N LEU C 25 -18.20 29.96 7.65
CA LEU C 25 -19.50 29.67 7.06
C LEU C 25 -20.16 30.88 6.40
N SER C 26 -19.36 31.83 5.89
CA SER C 26 -19.88 33.05 5.27
C SER C 26 -20.68 32.80 3.99
N ASP C 27 -20.51 31.63 3.34
CA ASP C 27 -21.21 31.31 2.09
C ASP C 27 -22.20 30.16 2.23
N LEU C 28 -22.63 29.88 3.46
CA LEU C 28 -23.51 28.76 3.77
C LEU C 28 -24.88 28.87 3.11
N GLY C 29 -25.37 30.10 2.91
CA GLY C 29 -26.68 30.33 2.31
C GLY C 29 -27.74 30.76 3.31
N VAL C 30 -27.39 30.74 4.60
CA VAL C 30 -28.18 31.38 5.65
C VAL C 30 -27.22 32.21 6.46
N PRO C 31 -27.70 33.25 7.18
CA PRO C 31 -26.81 34.01 8.04
C PRO C 31 -26.32 33.20 9.23
N VAL C 32 -25.07 33.47 9.63
CA VAL C 32 -24.42 32.84 10.76
C VAL C 32 -24.06 33.94 11.74
N GLU C 33 -24.61 33.83 12.97
CA GLU C 33 -24.58 34.94 13.91
C GLU C 33 -24.16 34.45 15.28
N PHE C 34 -23.33 35.25 15.94
CA PHE C 34 -22.92 35.01 17.33
C PHE C 34 -24.15 35.05 18.23
N ALA C 35 -24.20 34.12 19.20
CA ALA C 35 -25.27 34.10 20.20
C ALA C 35 -24.65 34.07 21.59
N GLY C 36 -24.87 35.14 22.34
CA GLY C 36 -24.52 35.21 23.75
C GLY C 36 -25.38 34.27 24.59
N GLU C 37 -24.93 34.12 25.83
CA GLU C 37 -25.36 33.02 26.69
C GLU C 37 -26.81 33.15 27.14
N ASP C 38 -27.42 34.36 27.01
CA ASP C 38 -28.78 34.64 27.45
C ASP C 38 -29.71 34.98 26.29
N GLU C 39 -29.44 34.47 25.06
CA GLU C 39 -30.34 34.73 23.95
C GLU C 39 -31.46 33.68 23.86
N GLN C 40 -32.49 34.06 23.09
CA GLN C 40 -33.67 33.24 22.86
C GLN C 40 -33.69 32.85 21.40
N PHE C 41 -34.37 31.74 21.12
CA PHE C 41 -34.37 31.06 19.84
C PHE C 41 -35.81 30.80 19.44
N GLY C 42 -36.00 30.42 18.18
CA GLY C 42 -37.33 30.21 17.65
C GLY C 42 -37.31 29.40 16.35
N PRO C 43 -38.49 29.20 15.73
CA PRO C 43 -38.58 28.46 14.48
C PRO C 43 -37.64 28.99 13.40
N GLY C 44 -37.01 28.06 12.68
CA GLY C 44 -36.03 28.41 11.66
C GLY C 44 -34.60 28.47 12.22
N ASP C 45 -34.39 28.44 13.55
CA ASP C 45 -33.05 28.59 14.08
C ASP C 45 -32.39 27.21 14.20
N ALA C 46 -31.11 27.18 13.80
CA ALA C 46 -30.14 26.18 14.19
C ALA C 46 -29.16 26.85 15.14
N VAL C 47 -28.62 26.05 16.07
CA VAL C 47 -27.67 26.54 17.05
C VAL C 47 -26.46 25.61 17.04
N ALA C 48 -25.24 26.15 16.93
CA ALA C 48 -24.02 25.38 17.18
C ALA C 48 -23.53 25.71 18.58
N SER C 49 -23.21 24.67 19.39
CA SER C 49 -22.84 24.91 20.77
C SER C 49 -21.95 23.79 21.30
N PHE C 50 -21.16 24.10 22.34
CA PHE C 50 -20.36 23.12 23.06
C PHE C 50 -21.18 22.43 24.16
N GLY C 51 -21.94 23.24 24.92
CA GLY C 51 -22.84 22.72 25.95
C GLY C 51 -24.31 22.97 25.62
N HIS C 52 -25.21 22.43 26.48
CA HIS C 52 -26.66 22.57 26.37
C HIS C 52 -27.13 23.83 27.10
N ARG C 53 -28.14 24.50 26.53
CA ARG C 53 -28.92 25.49 27.27
C ARG C 53 -30.38 25.23 27.00
N ASP C 54 -31.25 25.41 27.99
CA ASP C 54 -32.67 25.11 27.79
C ASP C 54 -33.31 25.97 26.70
N ALA C 55 -32.79 27.21 26.52
CA ALA C 55 -33.23 28.13 25.46
C ALA C 55 -33.18 27.49 24.07
N PHE C 56 -32.26 26.52 23.86
CA PHE C 56 -32.08 25.86 22.57
C PHE C 56 -33.28 25.02 22.19
N LEU C 57 -34.12 24.64 23.18
CA LEU C 57 -35.27 23.81 22.88
C LEU C 57 -36.34 24.57 22.08
N ASP C 58 -36.24 25.91 21.98
CA ASP C 58 -37.07 26.73 21.09
C ASP C 58 -36.57 26.73 19.65
N ALA C 59 -35.33 26.26 19.39
CA ALA C 59 -34.79 26.18 18.04
C ALA C 59 -35.21 24.86 17.38
N ASP C 60 -34.91 24.73 16.09
CA ASP C 60 -35.25 23.52 15.35
C ASP C 60 -34.14 22.47 15.43
N TRP C 61 -32.88 22.90 15.55
CA TRP C 61 -31.74 22.03 15.42
C TRP C 61 -30.59 22.57 16.25
N VAL C 62 -29.98 21.70 17.07
CA VAL C 62 -28.75 21.99 17.77
C VAL C 62 -27.65 21.03 17.24
N HIS C 63 -26.53 21.63 16.79
CA HIS C 63 -25.31 20.92 16.45
C HIS C 63 -24.35 21.06 17.62
N CYS C 64 -24.15 19.94 18.34
CA CYS C 64 -23.15 19.85 19.37
C CYS C 64 -21.78 19.78 18.68
N ILE C 65 -20.87 20.70 19.01
CA ILE C 65 -19.56 20.75 18.35
C ILE C 65 -18.57 19.74 18.95
N ARG C 66 -19.04 18.87 19.86
CA ARG C 66 -18.24 17.81 20.43
C ARG C 66 -18.66 16.47 19.85
N ALA C 67 -17.80 15.46 19.92
CA ALA C 67 -18.23 14.08 19.70
C ALA C 67 -19.08 13.61 20.88
N GLY C 68 -18.67 13.96 22.09
CA GLY C 68 -19.32 13.41 23.29
C GLY C 68 -20.44 14.35 23.75
N TYR C 69 -21.68 13.83 23.74
CA TYR C 69 -22.89 14.57 24.07
C TYR C 69 -23.48 14.16 25.43
N ASP C 70 -22.62 13.59 26.29
CA ASP C 70 -23.04 13.10 27.60
C ASP C 70 -23.55 14.22 28.52
N GLU C 71 -23.25 15.48 28.23
CA GLU C 71 -23.74 16.61 29.02
C GLU C 71 -24.99 17.24 28.43
N PHE C 72 -25.59 16.60 27.39
CA PHE C 72 -26.86 17.02 26.81
C PHE C 72 -27.97 16.13 27.38
N PRO C 73 -29.13 16.73 27.71
CA PRO C 73 -30.33 15.96 28.07
C PRO C 73 -31.06 15.47 26.81
N VAL C 74 -30.61 14.33 26.27
CA VAL C 74 -31.06 13.85 24.98
C VAL C 74 -32.58 13.59 25.02
N GLY C 75 -33.12 13.12 26.16
CA GLY C 75 -34.55 12.81 26.28
C GLY C 75 -35.46 14.01 26.01
N VAL C 76 -35.07 15.18 26.51
CA VAL C 76 -35.80 16.44 26.44
C VAL C 76 -35.82 16.98 25.00
N TYR C 77 -34.83 16.64 24.18
CA TYR C 77 -34.78 17.14 22.81
C TYR C 77 -35.92 16.61 21.94
N GLU C 78 -36.19 15.29 22.02
CA GLU C 78 -37.24 14.65 21.23
C GLU C 78 -38.61 15.30 21.49
N GLU C 79 -38.98 15.38 22.77
CA GLU C 79 -40.23 15.98 23.21
C GLU C 79 -40.38 17.41 22.66
N ALA C 80 -39.30 18.18 22.73
CA ALA C 80 -39.30 19.56 22.29
C ALA C 80 -39.29 19.69 20.76
N GLY C 81 -39.06 18.61 20.00
CA GLY C 81 -38.99 18.64 18.54
C GLY C 81 -37.74 19.36 18.03
N THR C 82 -36.64 19.28 18.79
CA THR C 82 -35.37 19.87 18.40
C THR C 82 -34.43 18.73 18.03
N TYR C 83 -33.94 18.73 16.78
CA TYR C 83 -32.95 17.77 16.34
C TYR C 83 -31.65 18.05 17.08
N LEU C 84 -30.93 16.99 17.42
CA LEU C 84 -29.60 17.12 18.01
C LEU C 84 -28.64 16.29 17.19
N THR C 85 -27.53 16.91 16.76
CA THR C 85 -26.44 16.20 16.07
C THR C 85 -25.15 16.42 16.84
N ASN C 86 -24.18 15.52 16.66
CA ASN C 86 -22.89 15.65 17.31
C ASN C 86 -21.80 15.71 16.23
N SER C 87 -20.54 15.79 16.67
CA SER C 87 -19.41 15.97 15.79
C SER C 87 -18.47 14.76 15.75
N THR C 88 -18.97 13.57 16.08
CA THR C 88 -18.19 12.36 15.87
C THR C 88 -17.76 12.26 14.41
N GLY C 89 -16.55 11.80 14.19
CA GLY C 89 -15.99 11.60 12.87
C GLY C 89 -14.84 12.54 12.52
N ILE C 90 -14.60 13.58 13.33
CA ILE C 90 -13.62 14.60 12.93
C ILE C 90 -12.38 14.58 13.81
N HIS C 91 -12.30 13.68 14.81
CA HIS C 91 -11.26 13.78 15.82
C HIS C 91 -10.23 12.64 15.71
N GLY C 92 -10.27 11.85 14.61
CA GLY C 92 -9.42 10.69 14.49
C GLY C 92 -7.96 11.02 14.30
N THR C 93 -7.68 12.09 13.53
CA THR C 93 -6.30 12.47 13.26
C THR C 93 -5.68 13.15 14.49
N THR C 94 -6.36 14.12 15.07
CA THR C 94 -5.82 14.80 16.23
C THR C 94 -5.60 13.85 17.39
N VAL C 95 -6.64 13.11 17.76
CA VAL C 95 -6.49 12.23 18.93
C VAL C 95 -5.53 11.08 18.63
N GLY C 96 -5.60 10.51 17.42
CA GLY C 96 -4.68 9.45 17.03
C GLY C 96 -3.22 9.93 17.15
N GLU C 97 -2.94 11.15 16.66
CA GLU C 97 -1.60 11.70 16.78
C GLU C 97 -1.21 11.97 18.24
N THR C 98 -2.12 12.54 19.06
CA THR C 98 -1.79 12.75 20.44
C THR C 98 -1.45 11.44 21.14
N VAL C 99 -2.26 10.39 20.89
CA VAL C 99 -1.99 9.13 21.56
C VAL C 99 -0.70 8.50 21.08
N ALA C 100 -0.41 8.54 19.76
CA ALA C 100 0.88 8.12 19.27
C ALA C 100 2.01 8.87 19.98
N GLY C 101 1.78 10.18 20.14
CA GLY C 101 2.69 11.02 20.91
C GLY C 101 2.92 10.54 22.33
N TYR C 102 1.83 10.24 23.04
CA TYR C 102 1.99 9.77 24.40
C TYR C 102 2.81 8.47 24.46
N MET C 103 2.47 7.49 23.58
CA MET C 103 3.12 6.19 23.60
C MET C 103 4.61 6.33 23.26
N LEU C 104 4.91 7.15 22.24
CA LEU C 104 6.30 7.40 21.89
C LEU C 104 7.07 8.12 23.00
N THR C 105 6.40 9.03 23.68
CA THR C 105 7.00 9.75 24.80
C THR C 105 7.42 8.71 25.84
N PHE C 106 6.52 7.78 26.21
CA PHE C 106 6.91 6.80 27.20
C PHE C 106 8.05 5.88 26.71
N ALA C 107 7.93 5.36 25.47
CA ALA C 107 8.92 4.42 24.93
C ALA C 107 10.31 5.07 24.89
N ARG C 108 10.35 6.30 24.37
CA ARG C 108 11.62 6.96 24.09
C ARG C 108 12.08 7.87 25.23
N ARG C 109 11.27 7.96 26.32
CA ARG C 109 11.60 8.66 27.56
C ARG C 109 11.62 10.17 27.39
N LEU C 110 10.84 10.72 26.47
CA LEU C 110 10.94 12.15 26.15
C LEU C 110 10.50 13.03 27.33
N HIS C 111 9.52 12.56 28.13
CA HIS C 111 9.06 13.31 29.30
C HIS C 111 10.14 13.40 30.38
N ALA C 112 10.89 12.31 30.62
CA ALA C 112 12.01 12.34 31.55
C ALA C 112 13.06 13.33 31.05
N TYR C 113 13.36 13.32 29.77
CA TYR C 113 14.34 14.27 29.24
C TYR C 113 13.87 15.72 29.38
N ARG C 114 12.57 15.95 29.22
CA ARG C 114 12.03 17.30 29.42
C ARG C 114 12.23 17.73 30.87
N ASP C 115 11.95 16.83 31.83
CA ASP C 115 12.14 17.17 33.24
C ASP C 115 13.61 17.55 33.50
N ALA C 116 14.54 16.80 32.92
CA ALA C 116 15.96 17.03 33.09
C ALA C 116 16.35 18.33 32.40
N GLN C 117 15.68 18.67 31.33
CA GLN C 117 15.98 19.91 30.61
C GLN C 117 15.75 21.13 31.52
N HIS C 118 14.71 21.07 32.35
CA HIS C 118 14.44 22.15 33.28
C HIS C 118 15.59 22.31 34.29
N ASP C 119 16.28 21.19 34.61
CA ASP C 119 17.36 21.15 35.58
C ASP C 119 18.73 21.32 34.92
N HIS C 120 18.79 21.51 33.60
CA HIS C 120 20.06 21.57 32.85
C HIS C 120 20.94 20.34 33.13
N ALA C 121 20.27 19.18 33.27
CA ALA C 121 20.90 17.93 33.64
C ALA C 121 20.97 17.01 32.44
N TRP C 122 22.16 16.47 32.19
CA TRP C 122 22.44 15.49 31.16
C TRP C 122 22.33 14.13 31.84
N ASP C 123 21.08 13.72 32.04
N ASP C 123 21.09 13.68 31.96
CA ASP C 123 20.75 12.51 32.80
CA ASP C 123 20.72 12.52 32.76
C ASP C 123 20.47 11.35 31.83
C ASP C 123 20.45 11.34 31.83
N LEU C 124 21.35 10.36 31.82
CA LEU C 124 21.25 9.22 30.93
C LEU C 124 20.29 8.21 31.54
N PRO C 125 19.41 7.61 30.71
CA PRO C 125 18.44 6.68 31.23
C PRO C 125 19.14 5.43 31.72
N ARG C 126 18.50 4.76 32.70
CA ARG C 126 18.90 3.41 33.03
C ARG C 126 18.79 2.53 31.79
N TYR C 127 19.67 1.53 31.65
CA TYR C 127 19.72 0.75 30.43
C TYR C 127 18.36 0.15 30.05
N GLU C 128 17.58 -0.31 31.03
CA GLU C 128 16.30 -0.93 30.71
C GLU C 128 15.19 0.06 30.36
N GLU C 129 15.36 1.36 30.62
CA GLU C 129 14.26 2.31 30.46
C GLU C 129 13.78 2.49 29.00
N PRO C 130 14.66 2.80 28.00
CA PRO C 130 14.19 3.05 26.64
C PRO C 130 13.79 1.80 25.88
N PHE C 131 12.68 1.86 25.15
CA PHE C 131 12.22 0.74 24.35
C PHE C 131 11.60 1.24 23.07
N THR C 132 11.19 0.32 22.19
CA THR C 132 10.48 0.72 20.99
C THR C 132 9.03 0.28 21.05
N LEU C 133 8.14 1.10 20.50
CA LEU C 133 6.77 0.70 20.30
C LEU C 133 6.67 -0.50 19.37
N ALA C 134 7.56 -0.55 18.36
CA ALA C 134 7.51 -1.67 17.43
C ALA C 134 7.61 -2.96 18.25
N GLY C 135 6.64 -3.85 18.03
CA GLY C 135 6.60 -5.15 18.70
C GLY C 135 5.86 -5.16 20.04
N GLU C 136 5.49 -4.00 20.56
CA GLU C 136 4.75 -3.89 21.82
C GLU C 136 3.26 -3.99 21.53
N ARG C 137 2.48 -4.38 22.55
CA ARG C 137 1.04 -4.55 22.39
C ARG C 137 0.29 -3.36 22.99
N VAL C 138 -0.70 -2.90 22.23
CA VAL C 138 -1.66 -1.90 22.67
C VAL C 138 -3.07 -2.50 22.54
N CYS C 139 -3.90 -2.31 23.58
CA CYS C 139 -5.31 -2.62 23.60
C CYS C 139 -6.08 -1.31 23.53
N VAL C 140 -6.90 -1.15 22.50
CA VAL C 140 -7.72 0.03 22.27
C VAL C 140 -9.17 -0.30 22.61
N VAL C 141 -9.70 0.34 23.67
CA VAL C 141 -11.05 0.10 24.20
C VAL C 141 -11.97 1.16 23.61
N GLY C 142 -12.83 0.74 22.68
CA GLY C 142 -13.62 1.63 21.86
C GLY C 142 -12.96 1.78 20.49
N LEU C 143 -13.65 1.31 19.43
CA LEU C 143 -13.09 1.22 18.10
C LEU C 143 -13.95 1.99 17.10
N GLY C 144 -14.19 3.25 17.42
CA GLY C 144 -14.88 4.17 16.55
C GLY C 144 -13.87 5.15 15.96
N THR C 145 -14.29 6.40 15.82
CA THR C 145 -13.39 7.38 15.17
C THR C 145 -12.08 7.56 15.94
N LEU C 146 -12.14 7.81 17.27
CA LEU C 146 -10.93 7.93 18.07
C LEU C 146 -10.14 6.64 18.05
N GLY C 147 -10.80 5.52 18.37
CA GLY C 147 -10.11 4.27 18.55
C GLY C 147 -9.40 3.83 17.27
N ARG C 148 -10.07 4.01 16.12
CA ARG C 148 -9.46 3.70 14.83
C ARG C 148 -8.29 4.62 14.51
N GLY C 149 -8.38 5.88 14.88
CA GLY C 149 -7.26 6.80 14.68
C GLY C 149 -6.02 6.35 15.47
N VAL C 150 -6.23 5.81 16.68
CA VAL C 150 -5.14 5.24 17.47
C VAL C 150 -4.61 3.96 16.82
N VAL C 151 -5.54 3.04 16.55
CA VAL C 151 -5.24 1.73 15.97
C VAL C 151 -4.32 1.91 14.74
N ASP C 152 -4.78 2.73 13.80
CA ASP C 152 -4.11 2.83 12.49
C ASP C 152 -2.65 3.29 12.67
N ARG C 153 -2.44 4.25 13.57
CA ARG C 153 -1.12 4.81 13.82
C ARG C 153 -0.27 3.78 14.57
N ALA C 154 -0.85 3.11 15.57
CA ALA C 154 -0.12 2.07 16.29
C ALA C 154 0.33 0.94 15.37
N ALA C 155 -0.58 0.48 14.50
CA ALA C 155 -0.27 -0.58 13.56
C ALA C 155 0.84 -0.16 12.61
N ALA C 156 0.79 1.10 12.13
CA ALA C 156 1.83 1.61 11.23
C ALA C 156 3.20 1.64 11.92
N LEU C 157 3.24 1.93 13.22
CA LEU C 157 4.46 1.91 14.03
C LEU C 157 4.90 0.50 14.42
N GLY C 158 4.21 -0.55 13.97
CA GLY C 158 4.66 -1.90 14.20
C GLY C 158 4.17 -2.51 15.50
N MET C 159 3.20 -1.90 16.15
CA MET C 159 2.64 -2.46 17.37
C MET C 159 1.71 -3.62 17.04
N GLU C 160 1.57 -4.50 18.04
CA GLU C 160 0.53 -5.51 18.00
C GLU C 160 -0.73 -4.85 18.60
N VAL C 161 -1.83 -4.87 17.86
CA VAL C 161 -3.02 -4.13 18.22
C VAL C 161 -4.18 -5.09 18.48
N VAL C 162 -4.78 -4.99 19.67
CA VAL C 162 -6.01 -5.69 19.99
C VAL C 162 -6.98 -4.62 20.46
N GLY C 163 -8.25 -4.98 20.61
CA GLY C 163 -9.17 -3.97 21.09
C GLY C 163 -10.50 -4.56 21.52
N VAL C 164 -11.36 -3.64 21.94
CA VAL C 164 -12.62 -3.93 22.55
C VAL C 164 -13.67 -3.05 21.89
N ARG C 165 -14.83 -3.63 21.51
CA ARG C 165 -15.95 -2.81 21.10
C ARG C 165 -17.23 -3.56 21.49
N ARG C 166 -18.34 -2.84 21.43
CA ARG C 166 -19.60 -3.37 21.93
C ARG C 166 -19.98 -4.68 21.23
N SER C 167 -19.83 -4.72 19.89
CA SER C 167 -20.26 -5.87 19.11
C SER C 167 -19.28 -7.03 19.18
N GLY C 168 -18.01 -6.71 19.46
CA GLY C 168 -16.93 -7.68 19.32
C GLY C 168 -16.52 -7.98 17.87
N ASP C 169 -17.09 -7.28 16.86
CA ASP C 169 -16.87 -7.64 15.47
C ASP C 169 -15.50 -7.15 14.96
N PRO C 170 -14.93 -7.84 13.93
CA PRO C 170 -13.62 -7.46 13.42
C PRO C 170 -13.49 -6.01 12.96
N VAL C 171 -12.27 -5.48 13.13
CA VAL C 171 -11.92 -4.11 12.77
C VAL C 171 -10.59 -4.14 12.02
N ASP C 172 -10.56 -3.41 10.91
CA ASP C 172 -9.33 -3.25 10.15
C ASP C 172 -8.18 -2.82 11.07
N ASN C 173 -7.03 -3.50 10.93
CA ASN C 173 -5.79 -3.24 11.63
C ASN C 173 -5.83 -3.62 13.12
N VAL C 174 -6.87 -4.34 13.55
CA VAL C 174 -6.93 -4.90 14.88
C VAL C 174 -6.80 -6.40 14.71
N SER C 175 -5.82 -7.07 15.37
CA SER C 175 -5.62 -8.51 15.22
CA SER C 175 -5.65 -8.50 15.16
C SER C 175 -6.75 -9.29 15.88
N THR C 176 -7.14 -8.86 17.09
CA THR C 176 -8.13 -9.58 17.90
C THR C 176 -9.04 -8.54 18.54
N VAL C 177 -10.33 -8.65 18.30
CA VAL C 177 -11.37 -7.83 18.91
C VAL C 177 -12.14 -8.65 19.93
N TYR C 178 -12.40 -8.02 21.08
CA TYR C 178 -13.13 -8.60 22.21
C TYR C 178 -14.43 -7.83 22.44
N THR C 179 -15.44 -8.53 22.99
CA THR C 179 -16.62 -7.87 23.55
C THR C 179 -16.29 -7.26 24.91
N PRO C 180 -17.15 -6.37 25.45
CA PRO C 180 -16.82 -5.72 26.73
C PRO C 180 -16.79 -6.66 27.94
N ASP C 181 -17.40 -7.83 27.84
CA ASP C 181 -17.36 -8.79 28.94
C ASP C 181 -16.08 -9.62 28.88
N ARG C 182 -15.18 -9.34 27.91
CA ARG C 182 -13.85 -9.95 27.87
C ARG C 182 -12.76 -8.87 27.94
N LEU C 183 -13.09 -7.72 28.51
CA LEU C 183 -12.14 -6.65 28.71
C LEU C 183 -10.89 -7.12 29.43
N HIS C 184 -11.01 -7.95 30.45
CA HIS C 184 -9.82 -8.36 31.20
C HIS C 184 -8.90 -9.20 30.32
N GLU C 185 -9.48 -10.05 29.48
CA GLU C 185 -8.64 -10.77 28.52
C GLU C 185 -7.90 -9.81 27.60
N ALA C 186 -8.60 -8.76 27.17
CA ALA C 186 -8.05 -7.82 26.19
C ALA C 186 -6.89 -7.01 26.77
N ILE C 187 -6.99 -6.62 28.04
CA ILE C 187 -6.00 -5.70 28.60
C ILE C 187 -4.84 -6.43 29.25
N ALA C 188 -4.98 -7.73 29.52
CA ALA C 188 -4.05 -8.38 30.44
C ALA C 188 -2.58 -8.35 29.99
N ASP C 189 -2.35 -8.46 28.68
CA ASP C 189 -0.99 -8.55 28.16
C ASP C 189 -0.54 -7.29 27.43
N ALA C 190 -1.24 -6.18 27.60
CA ALA C 190 -1.00 -4.97 26.84
C ALA C 190 0.01 -4.09 27.57
N ARG C 191 0.98 -3.54 26.82
CA ARG C 191 1.86 -2.51 27.34
C ARG C 191 1.12 -1.18 27.52
N PHE C 192 0.13 -0.91 26.65
CA PHE C 192 -0.69 0.29 26.70
C PHE C 192 -2.16 -0.06 26.55
N VAL C 193 -3.01 0.54 27.39
CA VAL C 193 -4.45 0.37 27.32
C VAL C 193 -5.02 1.76 27.09
N VAL C 194 -5.74 1.93 25.97
CA VAL C 194 -6.22 3.21 25.51
C VAL C 194 -7.75 3.22 25.62
N LEU C 195 -8.34 4.23 26.27
CA LEU C 195 -9.78 4.38 26.42
C LEU C 195 -10.27 5.43 25.43
N ALA C 196 -11.23 4.99 24.63
CA ALA C 196 -11.82 5.74 23.54
C ALA C 196 -13.31 5.46 23.36
N THR C 197 -14.05 5.20 24.47
CA THR C 197 -15.49 4.98 24.45
C THR C 197 -16.20 6.28 24.80
N PRO C 198 -17.49 6.44 24.48
CA PRO C 198 -18.30 7.47 25.10
C PRO C 198 -18.48 7.19 26.59
N LEU C 199 -18.92 8.21 27.30
CA LEU C 199 -19.40 8.07 28.66
C LEU C 199 -20.90 7.78 28.58
N THR C 200 -21.29 6.61 29.07
CA THR C 200 -22.66 6.16 29.15
C THR C 200 -22.86 5.51 30.51
N ASP C 201 -24.13 5.18 30.79
CA ASP C 201 -24.40 4.40 31.98
C ASP C 201 -23.52 3.14 32.04
N GLU C 202 -23.32 2.46 30.90
CA GLU C 202 -22.55 1.23 30.85
C GLU C 202 -21.06 1.46 31.09
N THR C 203 -20.50 2.54 30.49
CA THR C 203 -19.04 2.75 30.56
C THR C 203 -18.53 3.52 31.78
N GLU C 204 -19.42 4.13 32.55
CA GLU C 204 -18.98 4.88 33.70
C GLU C 204 -18.35 3.91 34.70
N GLY C 205 -17.14 4.23 35.15
CA GLY C 205 -16.41 3.41 36.12
C GLY C 205 -16.01 2.05 35.56
N MET C 206 -15.87 1.93 34.23
CA MET C 206 -15.36 0.73 33.60
C MET C 206 -14.00 0.30 34.15
N VAL C 207 -13.08 1.27 34.32
CA VAL C 207 -11.71 0.97 34.64
C VAL C 207 -11.48 1.40 36.08
N ALA C 208 -11.34 0.39 36.94
CA ALA C 208 -11.26 0.54 38.38
C ALA C 208 -10.23 -0.44 38.93
N ALA C 209 -10.24 -0.66 40.26
CA ALA C 209 -9.22 -1.47 40.89
C ALA C 209 -9.10 -2.86 40.25
N PRO C 210 -10.16 -3.64 39.92
CA PRO C 210 -9.96 -4.94 39.29
C PRO C 210 -9.22 -4.85 37.97
N GLU C 211 -9.51 -3.83 37.16
CA GLU C 211 -8.83 -3.64 35.88
C GLU C 211 -7.35 -3.31 36.09
N PHE C 212 -7.05 -2.49 37.09
CA PHE C 212 -5.63 -2.19 37.39
C PHE C 212 -4.89 -3.41 37.90
N GLU C 213 -5.61 -4.29 38.61
CA GLU C 213 -5.03 -5.55 39.03
C GLU C 213 -4.63 -6.39 37.82
N THR C 214 -5.55 -6.52 36.88
CA THR C 214 -5.40 -7.34 35.70
C THR C 214 -4.26 -6.81 34.82
N MET C 215 -4.14 -5.50 34.69
CA MET C 215 -3.12 -4.93 33.82
C MET C 215 -1.70 -5.34 34.23
N ARG C 216 -0.77 -5.32 33.28
CA ARG C 216 0.64 -5.52 33.58
C ARG C 216 1.16 -4.41 34.46
N GLU C 217 2.07 -4.75 35.40
CA GLU C 217 2.69 -3.74 36.23
C GLU C 217 3.49 -2.74 35.42
N ASP C 218 3.98 -3.15 34.24
CA ASP C 218 4.77 -2.25 33.41
C ASP C 218 3.90 -1.49 32.40
N ALA C 219 2.56 -1.59 32.50
CA ALA C 219 1.68 -1.01 31.51
C ALA C 219 1.29 0.41 31.87
N SER C 220 0.81 1.13 30.84
CA SER C 220 0.33 2.49 30.99
C SER C 220 -1.10 2.60 30.50
N LEU C 221 -1.91 3.36 31.25
CA LEU C 221 -3.27 3.67 30.85
C LEU C 221 -3.32 5.00 30.10
N VAL C 222 -4.01 5.07 28.97
CA VAL C 222 -4.23 6.30 28.26
C VAL C 222 -5.73 6.54 28.30
N ASN C 223 -6.16 7.70 28.80
CA ASN C 223 -7.55 8.10 28.78
C ASN C 223 -7.69 9.37 27.94
N VAL C 224 -8.33 9.18 26.77
CA VAL C 224 -8.73 10.30 25.91
C VAL C 224 -10.24 10.34 25.70
N ALA C 225 -10.97 9.58 26.52
CA ALA C 225 -12.40 9.42 26.37
C ALA C 225 -13.11 10.46 27.26
N ARG C 226 -13.50 10.04 28.47
CA ARG C 226 -14.07 10.90 29.49
C ARG C 226 -13.51 10.44 30.83
N GLY C 227 -13.27 11.41 31.73
CA GLY C 227 -12.69 11.09 33.02
C GLY C 227 -13.41 9.97 33.74
N PRO C 228 -14.75 10.06 33.88
CA PRO C 228 -15.51 9.10 34.68
C PRO C 228 -15.56 7.67 34.13
N VAL C 229 -15.04 7.39 32.93
CA VAL C 229 -14.85 6.02 32.49
C VAL C 229 -13.88 5.29 33.44
N VAL C 230 -12.96 6.05 34.11
CA VAL C 230 -12.04 5.59 35.12
C VAL C 230 -12.60 5.97 36.50
N VAL C 231 -12.41 5.08 37.49
CA VAL C 231 -12.59 5.44 38.87
C VAL C 231 -11.29 6.07 39.36
N GLU C 232 -11.27 7.42 39.37
CA GLU C 232 -10.02 8.16 39.50
C GLU C 232 -9.28 7.83 40.80
N SER C 233 -9.99 7.68 41.95
CA SER C 233 -9.28 7.35 43.15
C SER C 233 -8.62 5.97 43.07
N ASP C 234 -9.21 5.03 42.32
CA ASP C 234 -8.56 3.72 42.11
C ASP C 234 -7.32 3.87 41.22
N LEU C 235 -7.36 4.77 40.22
CA LEU C 235 -6.16 5.04 39.42
C LEU C 235 -5.03 5.58 40.30
N VAL C 236 -5.33 6.55 41.16
CA VAL C 236 -4.32 7.10 42.05
C VAL C 236 -3.74 5.97 42.90
N ALA C 237 -4.62 5.15 43.50
CA ALA C 237 -4.15 4.05 44.32
C ALA C 237 -3.24 3.10 43.55
N ALA C 238 -3.63 2.76 42.31
CA ALA C 238 -2.85 1.84 41.49
C ALA C 238 -1.48 2.40 41.11
N LEU C 239 -1.44 3.72 40.84
CA LEU C 239 -0.17 4.39 40.55
C LEU C 239 0.71 4.42 41.81
N ASP C 240 0.11 4.74 42.97
CA ASP C 240 0.89 4.77 44.20
C ASP C 240 1.47 3.41 44.53
N SER C 241 0.68 2.33 44.34
CA SER C 241 1.12 0.97 44.67
C SER C 241 2.04 0.35 43.62
N GLY C 242 2.13 0.93 42.40
CA GLY C 242 2.84 0.32 41.30
C GLY C 242 2.09 -0.84 40.66
N ASP C 243 0.76 -0.88 40.81
CA ASP C 243 -0.05 -1.88 40.16
C ASP C 243 0.04 -1.68 38.64
N ILE C 244 0.18 -0.42 38.19
CA ILE C 244 0.56 -0.12 36.81
C ILE C 244 1.69 0.90 36.85
N ALA C 245 2.35 1.13 35.72
CA ALA C 245 3.56 1.96 35.65
C ALA C 245 3.26 3.43 35.51
N GLY C 246 2.18 3.80 34.85
CA GLY C 246 1.91 5.21 34.59
C GLY C 246 0.68 5.38 33.71
N ALA C 247 0.51 6.60 33.20
CA ALA C 247 -0.70 6.95 32.49
C ALA C 247 -0.52 8.22 31.69
N ALA C 248 -1.21 8.34 30.57
CA ALA C 248 -1.38 9.60 29.88
C ALA C 248 -2.85 9.95 29.95
N LEU C 249 -3.15 11.07 30.60
CA LEU C 249 -4.52 11.45 30.94
C LEU C 249 -4.82 12.81 30.37
N ASP C 250 -5.83 12.85 29.48
CA ASP C 250 -6.36 14.06 28.91
C ASP C 250 -7.68 14.52 29.54
N VAL C 251 -8.32 13.62 30.30
CA VAL C 251 -9.66 13.84 30.82
C VAL C 251 -9.66 13.28 32.24
N PHE C 252 -10.53 13.87 33.07
CA PHE C 252 -10.51 13.63 34.51
C PHE C 252 -11.92 13.69 35.05
N SER C 253 -12.11 13.16 36.26
CA SER C 253 -13.46 13.11 36.79
C SER C 253 -13.95 14.51 37.18
N GLU C 254 -13.05 15.41 37.57
CA GLU C 254 -13.27 16.84 37.75
C GLU C 254 -12.26 17.56 36.86
N GLU C 255 -12.76 18.49 36.05
CA GLU C 255 -11.96 19.30 35.16
C GLU C 255 -12.30 20.76 35.41
N PRO C 256 -11.33 21.71 35.44
CA PRO C 256 -9.90 21.44 35.45
C PRO C 256 -9.47 20.54 36.61
N LEU C 257 -8.42 19.76 36.38
CA LEU C 257 -7.89 18.88 37.40
C LEU C 257 -7.51 19.72 38.59
N PRO C 258 -8.08 19.51 39.79
CA PRO C 258 -7.67 20.33 40.93
C PRO C 258 -6.18 20.30 41.18
N GLU C 259 -5.64 21.45 41.61
N GLU C 259 -5.63 21.44 41.62
CA GLU C 259 -4.21 21.62 41.85
CA GLU C 259 -4.20 21.60 41.81
C GLU C 259 -3.67 20.62 42.86
C GLU C 259 -3.66 20.61 42.86
N ASP C 260 -4.51 20.20 43.81
CA ASP C 260 -4.11 19.27 44.87
C ASP C 260 -4.23 17.79 44.51
N SER C 261 -4.64 17.48 43.26
CA SER C 261 -4.69 16.09 42.83
C SER C 261 -3.30 15.45 42.96
N PRO C 262 -3.17 14.23 43.46
CA PRO C 262 -1.92 13.51 43.36
C PRO C 262 -1.44 13.22 41.94
N LEU C 263 -2.36 13.24 40.97
CA LEU C 263 -2.00 12.83 39.61
C LEU C 263 -0.89 13.71 38.99
N TRP C 264 -0.79 14.98 39.40
CA TRP C 264 0.19 15.86 38.80
C TRP C 264 1.62 15.39 39.07
N ASP C 265 1.86 14.66 40.16
CA ASP C 265 3.22 14.50 40.67
C ASP C 265 3.90 13.20 40.27
N PHE C 266 3.20 12.24 39.63
CA PHE C 266 3.86 10.99 39.21
C PHE C 266 4.73 11.30 37.99
N GLU C 267 5.99 10.85 38.05
CA GLU C 267 6.89 11.06 36.92
C GLU C 267 6.30 10.47 35.63
N ASP C 268 5.77 9.26 35.70
CA ASP C 268 5.29 8.53 34.56
C ASP C 268 3.81 8.75 34.30
N VAL C 269 3.25 9.85 34.81
CA VAL C 269 1.96 10.35 34.34
C VAL C 269 2.19 11.56 33.48
N LEU C 270 1.49 11.61 32.35
CA LEU C 270 1.37 12.81 31.54
C LEU C 270 -0.02 13.39 31.75
N ILE C 271 -0.11 14.63 32.17
CA ILE C 271 -1.38 15.36 32.27
C ILE C 271 -1.51 16.30 31.07
N THR C 272 -2.60 16.23 30.31
CA THR C 272 -2.88 17.21 29.27
C THR C 272 -4.31 17.73 29.49
N PRO C 273 -4.56 19.05 29.30
CA PRO C 273 -5.77 19.70 29.79
C PRO C 273 -6.95 19.58 28.82
N HIS C 274 -7.38 18.34 28.52
CA HIS C 274 -8.53 18.10 27.64
C HIS C 274 -8.32 18.78 26.29
N VAL C 275 -7.20 18.42 25.65
CA VAL C 275 -6.72 19.02 24.41
C VAL C 275 -6.19 17.96 23.46
N SER C 276 -6.45 16.65 23.65
CA SER C 276 -5.95 15.64 22.70
C SER C 276 -6.55 15.83 21.30
N ALA C 277 -7.70 16.49 21.18
CA ALA C 277 -8.34 16.76 19.91
C ALA C 277 -8.18 18.22 19.47
N ALA C 278 -7.36 19.02 20.15
CA ALA C 278 -7.22 20.45 19.83
C ALA C 278 -6.60 20.60 18.45
N THR C 279 -7.08 21.59 17.68
CA THR C 279 -6.50 21.85 16.37
C THR C 279 -6.84 23.28 15.99
N SER C 280 -5.87 23.96 15.39
CA SER C 280 -6.03 25.28 14.83
C SER C 280 -7.01 25.33 13.65
N LYS C 281 -7.47 24.19 13.11
CA LYS C 281 -8.43 24.10 12.03
C LYS C 281 -9.75 23.52 12.49
N TYR C 282 -10.01 23.48 13.79
CA TYR C 282 -11.27 22.90 14.28
C TYR C 282 -12.47 23.61 13.66
N HIS C 283 -12.36 24.94 13.47
CA HIS C 283 -13.43 25.71 12.85
C HIS C 283 -13.80 25.17 11.48
N GLU C 284 -12.80 24.79 10.69
CA GLU C 284 -13.08 24.24 9.36
C GLU C 284 -13.69 22.86 9.49
N ASP C 285 -13.17 22.06 10.46
CA ASP C 285 -13.60 20.67 10.59
C ASP C 285 -15.08 20.60 10.99
N VAL C 286 -15.50 21.48 11.88
CA VAL C 286 -16.89 21.53 12.30
C VAL C 286 -17.73 22.16 11.19
N ALA C 287 -17.19 23.18 10.51
CA ALA C 287 -17.96 23.85 9.47
C ALA C 287 -18.39 22.86 8.37
N ALA C 288 -17.52 21.90 8.03
CA ALA C 288 -17.83 20.91 7.03
C ALA C 288 -19.08 20.13 7.43
N LEU C 289 -19.22 19.77 8.72
CA LEU C 289 -20.38 19.05 9.21
C LEU C 289 -21.66 19.89 9.06
N ILE C 290 -21.60 21.18 9.39
CA ILE C 290 -22.74 22.08 9.25
C ILE C 290 -23.17 22.14 7.78
N ARG C 291 -22.21 22.37 6.88
CA ARG C 291 -22.54 22.50 5.46
C ARG C 291 -23.19 21.22 4.92
N GLU C 292 -22.69 20.06 5.34
CA GLU C 292 -23.27 18.78 4.94
C GLU C 292 -24.72 18.69 5.40
N ASN C 293 -25.00 19.04 6.67
CA ASN C 293 -26.33 18.87 7.24
C ASN C 293 -27.29 19.94 6.73
N ILE C 294 -26.82 21.16 6.47
CA ILE C 294 -27.66 22.13 5.77
C ILE C 294 -28.08 21.57 4.41
N GLU C 295 -27.15 21.01 3.63
CA GLU C 295 -27.41 20.39 2.33
C GLU C 295 -28.43 19.24 2.43
N LYS C 296 -28.31 18.43 3.50
CA LYS C 296 -29.26 17.35 3.77
C LYS C 296 -30.64 17.90 4.08
N ILE C 297 -30.74 18.99 4.86
CA ILE C 297 -32.02 19.61 5.16
C ILE C 297 -32.63 20.13 3.86
N ALA C 298 -31.85 20.87 3.06
CA ALA C 298 -32.25 21.41 1.76
C ALA C 298 -32.97 20.36 0.91
N THR C 299 -32.40 19.14 0.86
CA THR C 299 -32.89 18.02 0.06
C THR C 299 -33.85 17.09 0.83
N GLY C 300 -33.97 17.21 2.16
CA GLY C 300 -34.92 16.42 2.94
C GLY C 300 -34.44 15.03 3.39
N ASP C 301 -33.11 14.79 3.36
CA ASP C 301 -32.49 13.53 3.76
C ASP C 301 -32.22 13.47 5.27
N GLU C 302 -31.91 12.26 5.77
CA GLU C 302 -31.56 12.00 7.15
C GLU C 302 -30.29 12.78 7.51
N LEU C 303 -30.28 13.42 8.69
CA LEU C 303 -29.11 14.19 9.11
C LEU C 303 -27.96 13.23 9.42
N THR C 304 -26.73 13.69 9.18
CA THR C 304 -25.54 12.99 9.61
C THR C 304 -25.35 13.22 11.11
N ASN C 305 -25.01 12.15 11.82
CA ASN C 305 -24.67 12.23 13.24
C ASN C 305 -25.86 12.69 14.08
N ARG C 306 -27.06 12.22 13.73
CA ARG C 306 -28.23 12.57 14.51
C ARG C 306 -28.26 11.73 15.79
N VAL C 307 -28.34 12.40 16.94
CA VAL C 307 -28.40 11.78 18.26
C VAL C 307 -29.85 11.53 18.63
N VAL C 308 -30.70 12.56 18.55
CA VAL C 308 -32.14 12.44 18.78
C VAL C 308 -32.89 13.46 17.90
N MET D 1 42.43 -13.56 6.56
CA MET D 1 42.34 -13.13 7.98
C MET D 1 41.79 -14.26 8.84
N HIS D 2 42.22 -14.31 10.11
CA HIS D 2 41.81 -15.34 11.05
C HIS D 2 41.77 -14.71 12.46
N ILE D 3 40.57 -14.71 13.07
CA ILE D 3 40.33 -14.07 14.37
C ILE D 3 40.40 -15.13 15.47
N GLU D 4 41.25 -14.87 16.47
CA GLU D 4 41.42 -15.75 17.62
C GLU D 4 40.64 -15.26 18.84
N ARG D 5 40.29 -13.97 18.86
CA ARG D 5 39.83 -13.31 20.08
C ARG D 5 38.99 -12.10 19.68
N LEU D 6 37.94 -11.80 20.45
CA LEU D 6 37.23 -10.53 20.43
C LEU D 6 37.41 -9.81 21.78
N ALA D 7 38.09 -8.66 21.74
CA ALA D 7 38.17 -7.75 22.88
C ALA D 7 36.99 -6.76 22.83
N VAL D 8 36.29 -6.58 23.95
CA VAL D 8 35.25 -5.57 24.12
C VAL D 8 35.86 -4.42 24.91
N ASP D 9 36.09 -3.29 24.24
CA ASP D 9 36.68 -2.12 24.87
C ASP D 9 35.68 -1.50 25.86
N GLU D 10 36.20 -0.93 26.96
CA GLU D 10 35.36 -0.37 28.03
C GLU D 10 34.50 0.79 27.53
N SER D 11 34.95 1.50 26.46
CA SER D 11 34.17 2.60 25.89
C SER D 11 32.78 2.17 25.43
N VAL D 12 32.50 0.86 25.22
CA VAL D 12 31.17 0.40 24.84
C VAL D 12 30.15 0.79 25.91
N GLY D 13 30.60 1.00 27.16
CA GLY D 13 29.78 1.53 28.24
C GLY D 13 29.01 2.82 27.92
N ARG D 14 29.50 3.60 26.95
CA ARG D 14 28.84 4.81 26.51
C ARG D 14 27.48 4.53 25.84
N ALA D 15 27.25 3.28 25.38
CA ALA D 15 26.00 2.88 24.75
C ALA D 15 25.27 1.79 25.54
N MET D 16 26.02 0.89 26.19
CA MET D 16 25.44 -0.29 26.82
C MET D 16 26.40 -0.85 27.87
N PRO D 17 25.90 -1.54 28.91
CA PRO D 17 26.79 -2.16 29.90
C PRO D 17 27.73 -3.15 29.21
N PRO D 18 29.09 -3.02 29.34
CA PRO D 18 30.00 -3.90 28.64
C PRO D 18 29.71 -5.38 28.86
N GLN D 19 29.35 -5.75 30.08
CA GLN D 19 29.11 -7.16 30.37
C GLN D 19 27.86 -7.72 29.67
N ARG D 20 26.83 -6.89 29.44
CA ARG D 20 25.63 -7.34 28.70
C ARG D 20 25.99 -7.69 27.25
N PHE D 21 26.89 -6.92 26.66
CA PHE D 21 27.34 -7.14 25.29
C PHE D 21 28.19 -8.40 25.24
N ILE D 22 29.12 -8.54 26.20
CA ILE D 22 29.99 -9.72 26.29
C ILE D 22 29.15 -10.98 26.40
N GLU D 23 28.10 -10.93 27.23
CA GLU D 23 27.21 -12.07 27.44
C GLU D 23 26.42 -12.43 26.18
N ALA D 24 25.99 -11.43 25.39
CA ALA D 24 25.29 -11.68 24.13
C ALA D 24 26.19 -12.33 23.08
N LEU D 25 27.53 -12.29 23.28
CA LEU D 25 28.48 -12.91 22.37
C LEU D 25 29.12 -14.16 22.96
N SER D 26 28.42 -14.87 23.87
CA SER D 26 28.97 -16.09 24.48
C SER D 26 28.98 -17.27 23.51
N ASP D 27 28.16 -17.27 22.43
CA ASP D 27 28.09 -18.38 21.47
C ASP D 27 28.89 -18.09 20.19
N LEU D 28 29.90 -17.22 20.28
CA LEU D 28 30.51 -16.65 19.10
C LEU D 28 31.43 -17.66 18.41
N GLY D 29 32.08 -18.51 19.21
CA GLY D 29 33.04 -19.50 18.72
C GLY D 29 34.48 -19.04 18.87
N VAL D 30 34.70 -17.83 19.43
CA VAL D 30 36.01 -17.38 19.88
C VAL D 30 35.84 -16.73 21.25
N PRO D 31 36.87 -16.76 22.13
CA PRO D 31 36.80 -16.08 23.42
C PRO D 31 36.48 -14.59 23.27
N VAL D 32 35.59 -14.11 24.13
CA VAL D 32 35.22 -12.71 24.16
C VAL D 32 35.67 -12.16 25.51
N GLU D 33 36.42 -11.05 25.52
CA GLU D 33 37.03 -10.58 26.74
C GLU D 33 36.90 -9.06 26.86
N PHE D 34 36.58 -8.59 28.08
CA PHE D 34 36.73 -7.19 28.45
C PHE D 34 38.14 -6.71 28.12
N ALA D 35 38.27 -5.48 27.59
CA ALA D 35 39.55 -4.79 27.49
C ALA D 35 39.46 -3.41 28.11
N GLY D 36 40.41 -3.10 29.01
CA GLY D 36 40.54 -1.80 29.60
C GLY D 36 41.38 -0.86 28.72
N GLU D 37 41.45 0.40 29.18
CA GLU D 37 41.84 1.53 28.34
C GLU D 37 43.31 1.45 27.92
N ASP D 38 44.14 0.71 28.68
CA ASP D 38 45.54 0.56 28.36
C ASP D 38 45.89 -0.88 28.05
N GLU D 39 45.01 -1.63 27.37
CA GLU D 39 45.36 -2.96 26.87
C GLU D 39 46.11 -2.79 25.54
N GLN D 40 47.00 -3.76 25.23
CA GLN D 40 47.63 -3.90 23.93
C GLN D 40 47.01 -5.06 23.15
N PHE D 41 47.16 -5.00 21.83
CA PHE D 41 46.52 -5.92 20.89
C PHE D 41 47.58 -6.45 19.95
N GLY D 42 47.24 -7.55 19.27
CA GLY D 42 48.15 -8.15 18.32
C GLY D 42 47.40 -8.89 17.23
N PRO D 43 48.14 -9.57 16.32
CA PRO D 43 47.54 -10.46 15.33
C PRO D 43 46.51 -11.43 15.91
N GLY D 44 45.43 -11.68 15.16
CA GLY D 44 44.33 -12.52 15.62
C GLY D 44 43.23 -11.76 16.36
N ASP D 45 43.52 -10.56 16.92
CA ASP D 45 42.57 -9.81 17.74
C ASP D 45 41.56 -9.06 16.86
N ALA D 46 40.28 -9.22 17.23
CA ALA D 46 39.20 -8.34 16.83
C ALA D 46 38.87 -7.46 18.04
N VAL D 47 38.45 -6.21 17.81
CA VAL D 47 38.11 -5.28 18.88
C VAL D 47 36.76 -4.68 18.55
N ALA D 48 35.84 -4.73 19.52
CA ALA D 48 34.61 -3.95 19.50
C ALA D 48 34.73 -2.75 20.44
N SER D 49 34.47 -1.54 19.93
CA SER D 49 34.69 -0.29 20.65
C SER D 49 33.72 0.79 20.18
N PHE D 50 33.45 1.72 21.10
CA PHE D 50 32.71 2.95 20.80
C PHE D 50 33.67 4.00 20.23
N GLY D 51 34.85 4.16 20.89
CA GLY D 51 35.83 5.17 20.53
C GLY D 51 37.04 4.53 19.88
N HIS D 52 37.90 5.38 19.28
CA HIS D 52 39.16 4.92 18.70
C HIS D 52 40.26 5.00 19.74
N ARG D 53 41.17 4.00 19.71
CA ARG D 53 42.46 4.06 20.39
C ARG D 53 43.55 3.62 19.41
N ASP D 54 44.73 4.27 19.44
CA ASP D 54 45.83 3.96 18.53
C ASP D 54 46.30 2.53 18.72
N ALA D 55 46.23 2.03 19.96
CA ALA D 55 46.51 0.65 20.34
C ALA D 55 45.79 -0.37 19.46
N PHE D 56 44.59 -0.03 18.98
CA PHE D 56 43.81 -0.93 18.15
C PHE D 56 44.45 -1.19 16.79
N LEU D 57 45.34 -0.29 16.33
CA LEU D 57 46.01 -0.47 15.04
C LEU D 57 46.94 -1.69 15.01
N ASP D 58 47.26 -2.30 16.19
CA ASP D 58 47.97 -3.58 16.28
C ASP D 58 47.03 -4.79 16.13
N ALA D 59 45.71 -4.59 16.23
CA ALA D 59 44.74 -5.66 15.98
C ALA D 59 44.48 -5.83 14.48
N ASP D 60 43.73 -6.89 14.14
CA ASP D 60 43.34 -7.18 12.77
C ASP D 60 42.03 -6.53 12.34
N TRP D 61 41.10 -6.31 13.28
CA TRP D 61 39.76 -5.88 12.94
C TRP D 61 39.16 -5.11 14.11
N VAL D 62 38.64 -3.89 13.82
CA VAL D 62 37.91 -3.08 14.77
C VAL D 62 36.49 -2.97 14.27
N HIS D 63 35.51 -3.36 15.11
CA HIS D 63 34.11 -3.07 14.85
C HIS D 63 33.69 -1.91 15.76
N CYS D 64 33.38 -0.79 15.13
CA CYS D 64 32.83 0.36 15.81
C CYS D 64 31.36 0.07 16.09
N ILE D 65 30.96 0.16 17.37
CA ILE D 65 29.58 -0.13 17.80
C ILE D 65 28.59 1.01 17.50
N ARG D 66 29.05 2.07 16.81
CA ARG D 66 28.27 3.21 16.38
C ARG D 66 28.05 3.12 14.88
N ALA D 67 26.98 3.73 14.38
CA ALA D 67 26.85 4.00 12.97
C ALA D 67 27.93 5.00 12.52
N GLY D 68 28.11 6.05 13.32
CA GLY D 68 28.97 7.17 12.94
C GLY D 68 30.40 6.97 13.45
N TYR D 69 31.33 6.84 12.50
CA TYR D 69 32.73 6.51 12.72
C TYR D 69 33.64 7.73 12.49
N ASP D 70 33.08 8.93 12.62
CA ASP D 70 33.76 10.19 12.38
C ASP D 70 34.97 10.39 13.33
N GLU D 71 35.00 9.73 14.48
CA GLU D 71 36.10 9.89 15.41
C GLU D 71 37.24 8.91 15.08
N PHE D 72 37.07 8.00 14.10
CA PHE D 72 38.07 7.02 13.73
C PHE D 72 38.91 7.56 12.58
N PRO D 73 40.26 7.56 12.68
CA PRO D 73 41.13 7.99 11.59
C PRO D 73 41.25 6.89 10.53
N VAL D 74 40.33 6.93 9.54
CA VAL D 74 40.12 5.83 8.59
C VAL D 74 41.38 5.58 7.77
N GLY D 75 42.13 6.64 7.41
CA GLY D 75 43.33 6.53 6.58
C GLY D 75 44.45 5.79 7.30
N VAL D 76 44.51 5.95 8.63
CA VAL D 76 45.49 5.29 9.47
C VAL D 76 45.15 3.80 9.59
N TYR D 77 43.86 3.43 9.63
CA TYR D 77 43.45 2.02 9.64
C TYR D 77 43.97 1.31 8.38
N GLU D 78 43.80 1.94 7.21
CA GLU D 78 44.16 1.31 5.95
C GLU D 78 45.67 1.04 5.93
N GLU D 79 46.47 2.04 6.35
CA GLU D 79 47.93 1.92 6.38
C GLU D 79 48.37 0.79 7.31
N ALA D 80 47.74 0.70 8.49
CA ALA D 80 48.01 -0.34 9.47
C ALA D 80 47.49 -1.72 9.05
N GLY D 81 46.70 -1.85 7.97
CA GLY D 81 46.10 -3.13 7.57
C GLY D 81 45.06 -3.68 8.56
N THR D 82 44.38 -2.79 9.33
CA THR D 82 43.31 -3.14 10.26
C THR D 82 41.98 -2.87 9.55
N TYR D 83 41.11 -3.88 9.47
CA TYR D 83 39.75 -3.66 8.93
C TYR D 83 38.96 -2.83 9.95
N LEU D 84 38.10 -1.94 9.43
CA LEU D 84 37.17 -1.19 10.25
C LEU D 84 35.74 -1.42 9.73
N THR D 85 34.84 -1.85 10.62
CA THR D 85 33.41 -1.93 10.29
C THR D 85 32.65 -1.04 11.26
N ASN D 86 31.46 -0.63 10.83
CA ASN D 86 30.59 0.20 11.65
C ASN D 86 29.26 -0.51 11.87
N SER D 87 28.37 0.15 12.61
CA SER D 87 27.11 -0.43 13.03
C SER D 87 25.90 0.24 12.37
N THR D 88 26.07 0.89 11.21
CA THR D 88 24.92 1.35 10.42
C THR D 88 23.97 0.20 10.11
N GLY D 89 22.67 0.50 10.10
CA GLY D 89 21.66 -0.48 9.73
C GLY D 89 20.73 -0.89 10.89
N ILE D 90 21.10 -0.55 12.13
CA ILE D 90 20.40 -1.04 13.32
C ILE D 90 19.64 0.06 14.05
N HIS D 91 19.69 1.33 13.63
CA HIS D 91 19.13 2.41 14.43
C HIS D 91 17.87 3.02 13.80
N GLY D 92 17.29 2.37 12.77
CA GLY D 92 16.19 2.95 12.05
C GLY D 92 14.92 3.03 12.91
N THR D 93 14.64 1.97 13.67
CA THR D 93 13.43 1.98 14.48
C THR D 93 13.54 2.93 15.66
N THR D 94 14.62 2.82 16.42
CA THR D 94 14.81 3.69 17.59
C THR D 94 14.78 5.16 17.20
N VAL D 95 15.63 5.55 16.25
CA VAL D 95 15.71 6.95 15.86
C VAL D 95 14.43 7.39 15.14
N GLY D 96 13.87 6.53 14.28
CA GLY D 96 12.63 6.86 13.60
C GLY D 96 11.49 7.14 14.59
N GLU D 97 11.41 6.31 15.62
CA GLU D 97 10.41 6.53 16.67
C GLU D 97 10.69 7.80 17.48
N THR D 98 11.95 8.02 17.86
CA THR D 98 12.26 9.23 18.60
C THR D 98 11.86 10.49 17.81
N VAL D 99 12.23 10.54 16.52
CA VAL D 99 11.92 11.68 15.67
C VAL D 99 10.42 11.87 15.48
N ALA D 100 9.69 10.76 15.25
CA ALA D 100 8.25 10.88 15.22
C ALA D 100 7.72 11.48 16.54
N GLY D 101 8.33 11.03 17.65
CA GLY D 101 7.95 11.55 18.97
C GLY D 101 8.28 13.03 19.15
N TYR D 102 9.39 13.50 18.59
CA TYR D 102 9.72 14.93 18.66
C TYR D 102 8.69 15.73 17.84
N MET D 103 8.35 15.28 16.62
CA MET D 103 7.43 15.99 15.75
C MET D 103 6.01 15.99 16.33
N LEU D 104 5.55 14.83 16.90
CA LEU D 104 4.23 14.78 17.52
C LEU D 104 4.20 15.65 18.79
N THR D 105 5.32 15.70 19.51
CA THR D 105 5.45 16.54 20.69
C THR D 105 5.18 18.01 20.30
N PHE D 106 5.85 18.47 19.25
CA PHE D 106 5.61 19.86 18.80
C PHE D 106 4.19 20.09 18.27
N ALA D 107 3.69 19.19 17.40
CA ALA D 107 2.36 19.35 16.83
C ALA D 107 1.29 19.39 17.94
N ARG D 108 1.39 18.44 18.88
CA ARG D 108 0.31 18.27 19.83
C ARG D 108 0.58 19.05 21.13
N ARG D 109 1.76 19.68 21.26
CA ARG D 109 2.11 20.61 22.33
C ARG D 109 2.44 19.87 23.62
N LEU D 110 2.89 18.62 23.55
CA LEU D 110 3.08 17.81 24.74
C LEU D 110 4.12 18.39 25.68
N HIS D 111 5.17 19.01 25.13
CA HIS D 111 6.22 19.56 25.97
C HIS D 111 5.70 20.75 26.79
N ALA D 112 4.86 21.62 26.20
CA ALA D 112 4.24 22.72 26.91
C ALA D 112 3.35 22.19 28.04
N TYR D 113 2.63 21.09 27.77
CA TYR D 113 1.78 20.50 28.82
C TYR D 113 2.64 19.94 29.93
N ARG D 114 3.79 19.35 29.63
CA ARG D 114 4.65 18.79 30.65
C ARG D 114 5.21 19.92 31.53
N ASP D 115 5.60 21.03 30.91
CA ASP D 115 6.02 22.19 31.67
C ASP D 115 4.95 22.64 32.67
N ALA D 116 3.70 22.70 32.21
CA ALA D 116 2.59 23.15 33.04
C ALA D 116 2.32 22.12 34.13
N GLN D 117 2.54 20.85 33.82
CA GLN D 117 2.36 19.79 34.82
C GLN D 117 3.19 20.04 36.06
N HIS D 118 4.44 20.48 35.87
CA HIS D 118 5.29 20.84 36.98
C HIS D 118 4.72 21.97 37.84
N ASP D 119 3.92 22.85 37.25
CA ASP D 119 3.30 23.97 37.92
C ASP D 119 1.86 23.69 38.37
N HIS D 120 1.33 22.46 38.15
CA HIS D 120 -0.07 22.15 38.48
C HIS D 120 -1.00 23.16 37.81
N ALA D 121 -0.65 23.57 36.59
CA ALA D 121 -1.38 24.56 35.83
C ALA D 121 -2.17 23.94 34.70
N TRP D 122 -3.46 24.22 34.66
CA TRP D 122 -4.33 23.78 33.60
C TRP D 122 -4.34 24.91 32.58
N ASP D 123 -3.30 24.91 31.74
CA ASP D 123 -3.05 26.01 30.83
C ASP D 123 -3.42 25.58 29.42
N LEU D 124 -4.48 26.20 28.89
CA LEU D 124 -5.01 25.86 27.59
C LEU D 124 -4.11 26.48 26.54
N PRO D 125 -3.82 25.76 25.45
CA PRO D 125 -2.99 26.34 24.40
C PRO D 125 -3.74 27.48 23.73
N ARG D 126 -2.97 28.38 23.11
CA ARG D 126 -3.58 29.34 22.20
C ARG D 126 -4.10 28.57 20.99
N TYR D 127 -5.20 29.06 20.41
CA TYR D 127 -5.92 28.31 19.38
C TYR D 127 -4.99 27.91 18.22
N GLU D 128 -4.05 28.79 17.82
CA GLU D 128 -3.15 28.54 16.70
CA GLU D 128 -3.13 28.57 16.71
C GLU D 128 -2.03 27.54 17.00
N GLU D 129 -1.81 27.17 18.27
CA GLU D 129 -0.67 26.32 18.66
C GLU D 129 -0.81 24.86 18.25
N PRO D 130 -1.90 24.12 18.57
CA PRO D 130 -1.97 22.71 18.23
C PRO D 130 -2.24 22.50 16.74
N PHE D 131 -1.51 21.59 16.11
CA PHE D 131 -1.75 21.23 14.72
C PHE D 131 -1.56 19.74 14.54
N THR D 132 -1.78 19.25 13.31
CA THR D 132 -1.50 17.87 12.99
C THR D 132 -0.30 17.73 12.08
N LEU D 133 0.49 16.68 12.33
CA LEU D 133 1.52 16.30 11.37
C LEU D 133 0.90 15.97 10.01
N ALA D 134 -0.27 15.32 9.99
CA ALA D 134 -0.91 14.99 8.73
C ALA D 134 -1.04 16.29 7.91
N GLY D 135 -0.54 16.23 6.67
CA GLY D 135 -0.57 17.36 5.74
C GLY D 135 0.59 18.36 5.85
N GLU D 136 1.45 18.21 6.86
CA GLU D 136 2.60 19.09 7.05
C GLU D 136 3.80 18.50 6.32
N ARG D 137 4.75 19.39 5.92
CA ARG D 137 5.92 18.99 5.18
C ARG D 137 7.15 18.79 6.07
N VAL D 138 7.83 17.66 5.86
CA VAL D 138 9.12 17.44 6.49
C VAL D 138 10.15 17.25 5.37
N CYS D 139 11.34 17.78 5.62
CA CYS D 139 12.51 17.58 4.76
C CYS D 139 13.51 16.76 5.58
N VAL D 140 13.86 15.56 5.10
CA VAL D 140 14.81 14.69 5.75
C VAL D 140 16.14 14.76 4.99
N VAL D 141 17.16 15.30 5.66
CA VAL D 141 18.50 15.50 5.10
C VAL D 141 19.35 14.32 5.53
N GLY D 142 19.63 13.43 4.57
CA GLY D 142 20.21 12.14 4.85
C GLY D 142 19.13 11.09 4.77
N LEU D 143 19.27 10.13 3.85
CA LEU D 143 18.24 9.15 3.50
C LEU D 143 18.81 7.74 3.55
N GLY D 144 19.51 7.41 4.63
CA GLY D 144 20.00 6.07 4.90
C GLY D 144 19.12 5.39 5.96
N THR D 145 19.74 4.60 6.83
CA THR D 145 18.98 3.89 7.85
C THR D 145 18.19 4.86 8.73
N LEU D 146 18.86 5.89 9.25
CA LEU D 146 18.17 6.86 10.11
C LEU D 146 17.10 7.59 9.32
N GLY D 147 17.50 8.23 8.22
CA GLY D 147 16.55 9.03 7.50
C GLY D 147 15.36 8.26 6.98
N ARG D 148 15.56 7.02 6.54
CA ARG D 148 14.43 6.23 6.04
C ARG D 148 13.52 5.80 7.21
N GLY D 149 14.09 5.58 8.39
CA GLY D 149 13.28 5.32 9.57
C GLY D 149 12.35 6.48 9.88
N VAL D 150 12.86 7.71 9.69
CA VAL D 150 12.06 8.91 9.83
C VAL D 150 11.01 9.00 8.72
N VAL D 151 11.49 8.93 7.46
CA VAL D 151 10.63 9.04 6.30
C VAL D 151 9.43 8.08 6.38
N ASP D 152 9.69 6.81 6.72
CA ASP D 152 8.61 5.81 6.64
C ASP D 152 7.50 6.14 7.66
N ARG D 153 7.91 6.60 8.86
CA ARG D 153 6.98 6.95 9.94
C ARG D 153 6.25 8.25 9.64
N ALA D 154 6.99 9.25 9.10
CA ALA D 154 6.37 10.49 8.69
C ALA D 154 5.31 10.28 7.60
N ALA D 155 5.67 9.46 6.57
CA ALA D 155 4.76 9.19 5.48
C ALA D 155 3.50 8.49 6.00
N ALA D 156 3.67 7.55 6.92
CA ALA D 156 2.54 6.81 7.48
C ALA D 156 1.63 7.74 8.27
N LEU D 157 2.21 8.77 8.93
CA LEU D 157 1.41 9.78 9.64
C LEU D 157 0.75 10.79 8.72
N GLY D 158 0.93 10.66 7.39
CA GLY D 158 0.26 11.54 6.47
C GLY D 158 1.04 12.81 6.13
N MET D 159 2.33 12.89 6.46
CA MET D 159 3.11 14.07 6.17
C MET D 159 3.49 14.06 4.69
N GLU D 160 3.76 15.27 4.16
CA GLU D 160 4.43 15.39 2.86
C GLU D 160 5.91 15.33 3.12
N VAL D 161 6.63 14.45 2.41
CA VAL D 161 8.01 14.14 2.72
C VAL D 161 8.85 14.49 1.50
N VAL D 162 9.89 15.29 1.74
CA VAL D 162 10.92 15.51 0.74
C VAL D 162 12.26 15.24 1.43
N GLY D 163 13.37 15.20 0.67
CA GLY D 163 14.62 14.93 1.34
C GLY D 163 15.82 15.19 0.46
N VAL D 164 16.97 15.01 1.10
CA VAL D 164 18.28 15.30 0.49
C VAL D 164 19.19 14.11 0.70
N ARG D 165 19.96 13.71 -0.33
CA ARG D 165 21.00 12.72 -0.12
C ARG D 165 22.08 12.96 -1.16
N ARG D 166 23.22 12.33 -0.94
CA ARG D 166 24.38 12.59 -1.81
C ARG D 166 24.07 12.29 -3.28
N SER D 167 23.47 11.14 -3.56
CA SER D 167 23.21 10.70 -4.93
C SER D 167 22.05 11.46 -5.56
N GLY D 168 21.13 11.98 -4.75
CA GLY D 168 19.92 12.62 -5.25
C GLY D 168 18.89 11.63 -5.81
N ASP D 169 19.13 10.31 -5.72
CA ASP D 169 18.25 9.34 -6.38
C ASP D 169 16.99 9.10 -5.55
N PRO D 170 15.88 8.67 -6.19
CA PRO D 170 14.63 8.43 -5.50
C PRO D 170 14.72 7.48 -4.32
N VAL D 171 13.78 7.67 -3.40
CA VAL D 171 13.66 6.89 -2.18
C VAL D 171 12.16 6.68 -1.92
N ASP D 172 11.83 5.41 -1.64
CA ASP D 172 10.46 5.08 -1.27
C ASP D 172 9.94 6.00 -0.16
N ASN D 173 8.73 6.51 -0.36
CA ASN D 173 8.04 7.37 0.60
C ASN D 173 8.57 8.80 0.65
N VAL D 174 9.45 9.18 -0.29
CA VAL D 174 9.90 10.54 -0.42
C VAL D 174 9.36 11.05 -1.75
N SER D 175 8.62 12.15 -1.73
CA SER D 175 8.00 12.66 -2.96
C SER D 175 9.06 13.26 -3.89
N THR D 176 10.00 14.03 -3.34
CA THR D 176 11.06 14.68 -4.12
C THR D 176 12.37 14.53 -3.34
N VAL D 177 13.40 14.01 -4.02
CA VAL D 177 14.76 13.94 -3.48
C VAL D 177 15.62 14.96 -4.21
N TYR D 178 16.43 15.69 -3.43
CA TYR D 178 17.36 16.71 -3.92
C TYR D 178 18.80 16.31 -3.59
N THR D 179 19.74 16.74 -4.43
CA THR D 179 21.16 16.61 -4.12
C THR D 179 21.57 17.69 -3.13
N PRO D 180 22.78 17.57 -2.49
CA PRO D 180 23.16 18.51 -1.43
C PRO D 180 23.31 19.97 -1.84
N ASP D 181 23.57 20.20 -3.14
CA ASP D 181 23.72 21.55 -3.66
C ASP D 181 22.37 22.24 -3.79
N ARG D 182 21.26 21.50 -3.58
CA ARG D 182 19.91 22.06 -3.62
C ARG D 182 19.28 22.04 -2.22
N LEU D 183 20.09 22.05 -1.18
CA LEU D 183 19.58 22.02 0.19
C LEU D 183 18.58 23.15 0.44
N HIS D 184 18.90 24.38 -0.02
CA HIS D 184 18.04 25.51 0.27
C HIS D 184 16.66 25.31 -0.34
N GLU D 185 16.58 24.74 -1.57
CA GLU D 185 15.29 24.46 -2.18
C GLU D 185 14.53 23.42 -1.35
N ALA D 186 15.23 22.43 -0.83
CA ALA D 186 14.60 21.34 -0.10
C ALA D 186 14.02 21.80 1.23
N ILE D 187 14.71 22.70 1.92
CA ILE D 187 14.30 23.08 3.28
C ILE D 187 13.32 24.26 3.31
N ALA D 188 13.19 25.05 2.25
CA ALA D 188 12.56 26.36 2.31
C ALA D 188 11.10 26.29 2.77
N ASP D 189 10.38 25.20 2.41
CA ASP D 189 8.94 25.14 2.64
C ASP D 189 8.57 24.05 3.64
N ALA D 190 9.54 23.58 4.44
CA ALA D 190 9.32 22.48 5.37
C ALA D 190 8.94 23.01 6.74
N ARG D 191 7.96 22.35 7.38
CA ARG D 191 7.64 22.59 8.79
C ARG D 191 8.71 22.01 9.72
N PHE D 192 9.33 20.89 9.30
CA PHE D 192 10.38 20.23 10.04
C PHE D 192 11.51 19.95 9.06
N VAL D 193 12.73 20.13 9.52
CA VAL D 193 13.94 19.79 8.81
C VAL D 193 14.71 18.86 9.74
N VAL D 194 14.93 17.61 9.28
CA VAL D 194 15.55 16.57 10.08
C VAL D 194 16.93 16.28 9.52
N LEU D 195 17.94 16.30 10.37
CA LEU D 195 19.29 15.99 9.99
C LEU D 195 19.67 14.57 10.39
N ALA D 196 20.11 13.78 9.40
CA ALA D 196 20.44 12.36 9.56
C ALA D 196 21.57 11.96 8.64
N THR D 197 22.55 12.86 8.47
CA THR D 197 23.74 12.61 7.68
C THR D 197 24.89 12.19 8.58
N PRO D 198 25.91 11.45 8.08
CA PRO D 198 27.17 11.35 8.79
C PRO D 198 27.80 12.74 8.89
N LEU D 199 28.77 12.85 9.81
CA LEU D 199 29.67 14.00 9.85
C LEU D 199 30.87 13.71 8.94
N THR D 200 30.95 14.51 7.87
CA THR D 200 31.98 14.36 6.85
C THR D 200 32.56 15.75 6.60
N ASP D 201 33.61 15.75 5.75
CA ASP D 201 34.15 16.98 5.18
C ASP D 201 33.07 17.91 4.69
N GLU D 202 32.15 17.35 3.91
CA GLU D 202 31.08 18.05 3.22
C GLU D 202 29.95 18.49 4.16
N THR D 203 29.59 17.67 5.18
CA THR D 203 28.43 17.97 5.99
C THR D 203 28.74 18.86 7.19
N GLU D 204 30.00 19.01 7.60
CA GLU D 204 30.30 19.82 8.76
C GLU D 204 29.91 21.26 8.49
N GLY D 205 29.13 21.86 9.42
CA GLY D 205 28.70 23.23 9.26
C GLY D 205 27.70 23.44 8.13
N MET D 206 27.00 22.39 7.67
CA MET D 206 26.00 22.50 6.64
C MET D 206 24.91 23.48 7.04
N VAL D 207 24.45 23.43 8.32
CA VAL D 207 23.26 24.16 8.69
C VAL D 207 23.69 25.29 9.63
N ALA D 208 23.63 26.51 9.09
CA ALA D 208 24.12 27.70 9.77
C ALA D 208 23.17 28.84 9.46
N ALA D 209 23.59 30.07 9.77
CA ALA D 209 22.74 31.24 9.64
C ALA D 209 22.01 31.30 8.31
N PRO D 210 22.68 31.08 7.14
CA PRO D 210 21.98 31.21 5.87
C PRO D 210 20.84 30.20 5.72
N GLU D 211 21.04 28.98 6.25
CA GLU D 211 19.98 27.97 6.20
C GLU D 211 18.81 28.31 7.14
N PHE D 212 19.08 28.92 8.28
CA PHE D 212 18.02 29.37 9.17
C PHE D 212 17.25 30.53 8.55
N GLU D 213 17.94 31.38 7.76
CA GLU D 213 17.26 32.43 7.03
C GLU D 213 16.30 31.80 6.01
N THR D 214 16.76 30.78 5.28
CA THR D 214 15.96 30.16 4.25
C THR D 214 14.73 29.43 4.84
N MET D 215 14.90 28.81 6.00
CA MET D 215 13.80 28.01 6.60
C MET D 215 12.64 28.92 6.93
N ARG D 216 11.46 28.31 7.02
CA ARG D 216 10.28 28.96 7.53
C ARG D 216 10.43 29.40 8.99
N GLU D 217 9.89 30.59 9.27
CA GLU D 217 9.91 31.09 10.63
C GLU D 217 9.14 30.20 11.61
N ASP D 218 8.17 29.41 11.12
CA ASP D 218 7.41 28.49 11.96
C ASP D 218 8.01 27.09 12.01
N ALA D 219 9.20 26.87 11.42
CA ALA D 219 9.77 25.55 11.30
C ALA D 219 10.61 25.19 12.50
N SER D 220 10.82 23.89 12.67
CA SER D 220 11.68 23.32 13.69
C SER D 220 12.78 22.48 13.02
N LEU D 221 13.97 22.57 13.59
CA LEU D 221 15.12 21.77 13.22
C LEU D 221 15.23 20.56 14.15
N VAL D 222 15.41 19.36 13.59
CA VAL D 222 15.68 18.17 14.36
C VAL D 222 17.10 17.72 14.03
N ASN D 223 17.98 17.56 15.02
CA ASN D 223 19.32 17.04 14.77
C ASN D 223 19.49 15.74 15.56
N VAL D 224 19.55 14.62 14.84
CA VAL D 224 19.89 13.33 15.41
C VAL D 224 21.16 12.77 14.77
N ALA D 225 21.92 13.62 14.04
CA ALA D 225 23.07 13.20 13.27
C ALA D 225 24.33 13.34 14.12
N ARG D 226 25.03 14.49 13.98
CA ARG D 226 26.15 14.85 14.84
C ARG D 226 26.01 16.35 15.06
N GLY D 227 26.44 16.81 16.23
CA GLY D 227 26.33 18.21 16.57
C GLY D 227 26.93 19.11 15.51
N PRO D 228 28.20 18.86 15.07
CA PRO D 228 28.87 19.79 14.16
C PRO D 228 28.30 19.88 12.74
N VAL D 229 27.26 19.10 12.38
CA VAL D 229 26.53 19.38 11.16
C VAL D 229 25.87 20.76 11.19
N VAL D 230 25.51 21.22 12.42
CA VAL D 230 24.97 22.53 12.69
C VAL D 230 26.08 23.42 13.27
N VAL D 231 26.04 24.74 12.92
CA VAL D 231 26.86 25.70 13.60
C VAL D 231 26.05 26.15 14.81
N GLU D 232 26.44 25.61 15.97
CA GLU D 232 25.61 25.69 17.15
C GLU D 232 25.32 27.13 17.58
N SER D 233 26.33 28.01 17.48
CA SER D 233 26.10 29.40 17.86
C SER D 233 25.15 30.12 16.90
N ASP D 234 25.14 29.72 15.60
CA ASP D 234 24.15 30.23 14.66
C ASP D 234 22.74 29.77 15.03
N LEU D 235 22.61 28.50 15.47
CA LEU D 235 21.31 27.99 15.90
C LEU D 235 20.76 28.80 17.08
N VAL D 236 21.63 29.07 18.07
CA VAL D 236 21.20 29.88 19.21
C VAL D 236 20.70 31.24 18.72
N ALA D 237 21.48 31.90 17.83
CA ALA D 237 21.10 33.22 17.35
C ALA D 237 19.79 33.16 16.57
N ALA D 238 19.58 32.09 15.78
CA ALA D 238 18.35 31.93 15.02
C ALA D 238 17.14 31.77 15.95
N LEU D 239 17.33 31.01 17.03
CA LEU D 239 16.24 30.82 17.98
C LEU D 239 15.92 32.13 18.72
N ASP D 240 16.99 32.84 19.13
CA ASP D 240 16.89 34.14 19.78
C ASP D 240 16.09 35.12 18.91
N SER D 241 16.40 35.16 17.61
CA SER D 241 15.83 36.17 16.73
C SER D 241 14.48 35.71 16.17
N GLY D 242 14.09 34.44 16.35
CA GLY D 242 12.85 33.95 15.76
C GLY D 242 12.95 33.66 14.27
N ASP D 243 14.19 33.41 13.80
CA ASP D 243 14.37 33.02 12.41
C ASP D 243 13.74 31.65 12.14
N ILE D 244 13.78 30.76 13.14
CA ILE D 244 12.98 29.53 13.15
C ILE D 244 12.29 29.45 14.51
N ALA D 245 11.39 28.50 14.66
CA ALA D 245 10.50 28.44 15.82
C ALA D 245 11.09 27.60 16.94
N GLY D 246 11.92 26.59 16.64
CA GLY D 246 12.37 25.70 17.69
C GLY D 246 13.18 24.56 17.09
N ALA D 247 13.47 23.56 17.91
CA ALA D 247 14.39 22.51 17.55
C ALA D 247 14.28 21.34 18.52
N ALA D 248 14.50 20.13 18.02
CA ALA D 248 14.71 18.93 18.84
C ALA D 248 16.13 18.46 18.59
N LEU D 249 16.94 18.45 19.62
CA LEU D 249 18.37 18.24 19.49
C LEU D 249 18.81 17.11 20.40
N ASP D 250 19.34 16.07 19.78
CA ASP D 250 19.90 14.90 20.44
C ASP D 250 21.42 14.95 20.52
N VAL D 251 22.04 15.82 19.69
CA VAL D 251 23.49 15.81 19.47
C VAL D 251 23.94 17.27 19.43
N PHE D 252 25.18 17.51 19.90
CA PHE D 252 25.70 18.86 20.17
C PHE D 252 27.17 18.93 19.79
N SER D 253 27.66 20.16 19.61
N SER D 253 27.62 20.18 19.56
CA SER D 253 29.03 20.33 19.18
CA SER D 253 29.01 20.49 19.29
C SER D 253 30.00 20.04 20.35
C SER D 253 29.92 19.89 20.36
N GLU D 254 29.55 20.17 21.60
CA GLU D 254 30.22 19.63 22.77
C GLU D 254 29.19 18.84 23.58
N GLU D 255 29.53 17.60 23.89
CA GLU D 255 28.71 16.70 24.66
C GLU D 255 29.53 16.15 25.84
N PRO D 256 28.95 16.06 27.05
CA PRO D 256 27.62 16.54 27.36
C PRO D 256 27.44 18.02 27.12
N LEU D 257 26.23 18.42 26.76
CA LEU D 257 25.90 19.83 26.54
C LEU D 257 26.21 20.58 27.81
N PRO D 258 27.11 21.57 27.82
CA PRO D 258 27.37 22.32 29.04
C PRO D 258 26.09 22.90 29.63
N GLU D 259 26.04 22.92 30.97
CA GLU D 259 24.89 23.45 31.71
C GLU D 259 24.59 24.90 31.33
N ASP D 260 25.58 25.71 30.91
CA ASP D 260 25.39 27.13 30.55
C ASP D 260 25.11 27.39 29.07
N SER D 261 24.88 26.31 28.29
CA SER D 261 24.42 26.50 26.94
C SER D 261 23.08 27.22 27.00
N PRO D 262 22.84 28.22 26.14
CA PRO D 262 21.52 28.81 25.99
C PRO D 262 20.45 27.82 25.52
N LEU D 263 20.85 26.71 24.88
CA LEU D 263 19.90 25.81 24.27
C LEU D 263 18.90 25.24 25.29
N TRP D 264 19.31 24.99 26.51
CA TRP D 264 18.43 24.47 27.55
C TRP D 264 17.16 25.30 27.74
N ASP D 265 17.26 26.63 27.54
CA ASP D 265 16.27 27.55 28.09
C ASP D 265 15.13 27.89 27.15
N PHE D 266 15.17 27.45 25.90
CA PHE D 266 14.13 27.78 24.94
C PHE D 266 12.94 26.85 25.18
N GLU D 267 11.73 27.42 25.29
CA GLU D 267 10.52 26.62 25.48
C GLU D 267 10.37 25.60 24.37
N ASP D 268 10.60 26.03 23.11
CA ASP D 268 10.36 25.17 21.96
C ASP D 268 11.64 24.49 21.48
N VAL D 269 12.62 24.30 22.36
CA VAL D 269 13.71 23.37 22.13
C VAL D 269 13.48 22.17 23.03
N LEU D 270 13.64 20.98 22.45
CA LEU D 270 13.77 19.72 23.20
C LEU D 270 15.23 19.31 23.21
N ILE D 271 15.81 19.11 24.40
CA ILE D 271 17.12 18.57 24.59
C ILE D 271 17.02 17.11 24.97
N THR D 272 17.69 16.21 24.26
CA THR D 272 17.81 14.83 24.66
C THR D 272 19.30 14.45 24.66
N PRO D 273 19.78 13.65 25.63
CA PRO D 273 21.23 13.51 25.85
C PRO D 273 21.89 12.42 25.01
N HIS D 274 21.83 12.58 23.67
CA HIS D 274 22.40 11.61 22.73
C HIS D 274 21.85 10.20 23.02
N VAL D 275 20.52 10.12 22.97
CA VAL D 275 19.78 8.92 23.33
C VAL D 275 18.66 8.60 22.32
N SER D 276 18.66 9.25 21.15
CA SER D 276 17.62 8.98 20.18
C SER D 276 17.61 7.54 19.69
N ALA D 277 18.74 6.85 19.76
CA ALA D 277 18.88 5.44 19.38
C ALA D 277 18.99 4.51 20.60
N ALA D 278 18.76 5.01 21.81
CA ALA D 278 18.86 4.18 23.00
C ALA D 278 17.85 3.04 22.96
N THR D 279 18.26 1.86 23.44
CA THR D 279 17.41 0.70 23.52
C THR D 279 18.01 -0.31 24.46
N SER D 280 17.12 -0.88 25.28
CA SER D 280 17.49 -1.95 26.19
C SER D 280 17.95 -3.22 25.48
N LYS D 281 17.81 -3.31 24.13
CA LYS D 281 18.29 -4.43 23.36
C LYS D 281 19.52 -4.12 22.51
N TYR D 282 20.23 -3.01 22.79
CA TYR D 282 21.33 -2.60 21.93
C TYR D 282 22.42 -3.67 21.87
N HIS D 283 22.69 -4.32 23.01
CA HIS D 283 23.67 -5.40 23.08
C HIS D 283 23.37 -6.51 22.06
N GLU D 284 22.10 -6.88 21.88
CA GLU D 284 21.70 -7.91 20.92
C GLU D 284 21.83 -7.37 19.50
N ASP D 285 21.42 -6.12 19.29
CA ASP D 285 21.41 -5.55 17.96
C ASP D 285 22.83 -5.50 17.39
N VAL D 286 23.81 -5.11 18.24
CA VAL D 286 25.19 -5.01 17.84
C VAL D 286 25.78 -6.40 17.72
N ALA D 287 25.49 -7.28 18.68
CA ALA D 287 26.06 -8.62 18.63
C ALA D 287 25.73 -9.34 17.32
N ALA D 288 24.51 -9.15 16.76
CA ALA D 288 24.09 -9.78 15.51
C ALA D 288 24.98 -9.36 14.35
N LEU D 289 25.43 -8.11 14.33
CA LEU D 289 26.38 -7.67 13.30
C LEU D 289 27.73 -8.38 13.42
N ILE D 290 28.27 -8.46 14.66
CA ILE D 290 29.54 -9.12 14.95
C ILE D 290 29.46 -10.59 14.51
N ARG D 291 28.37 -11.30 14.87
CA ARG D 291 28.19 -12.71 14.48
C ARG D 291 28.13 -12.86 12.95
N GLU D 292 27.41 -11.95 12.25
CA GLU D 292 27.33 -11.97 10.80
C GLU D 292 28.71 -11.81 10.16
N ASN D 293 29.57 -10.96 10.73
CA ASN D 293 30.89 -10.73 10.15
C ASN D 293 31.89 -11.82 10.52
N ILE D 294 31.82 -12.39 11.73
CA ILE D 294 32.59 -13.58 12.04
C ILE D 294 32.37 -14.67 10.98
N GLU D 295 31.13 -14.88 10.53
CA GLU D 295 30.76 -15.87 9.50
C GLU D 295 31.29 -15.44 8.12
N LYS D 296 31.26 -14.14 7.81
CA LYS D 296 31.83 -13.63 6.57
C LYS D 296 33.35 -13.84 6.56
N ILE D 297 34.04 -13.56 7.67
CA ILE D 297 35.45 -13.86 7.78
C ILE D 297 35.69 -15.35 7.53
N ALA D 298 34.83 -16.25 8.06
CA ALA D 298 35.04 -17.68 7.87
C ALA D 298 34.94 -18.10 6.39
N THR D 299 34.01 -17.54 5.60
CA THR D 299 33.80 -17.96 4.21
C THR D 299 34.74 -17.24 3.23
N GLY D 300 35.59 -16.31 3.72
CA GLY D 300 36.31 -15.37 2.88
C GLY D 300 35.41 -14.39 2.13
N ASP D 301 34.17 -14.15 2.63
CA ASP D 301 33.23 -13.24 1.99
C ASP D 301 33.50 -11.81 2.48
N GLU D 302 32.95 -10.85 1.73
CA GLU D 302 33.04 -9.40 1.97
C GLU D 302 32.41 -9.10 3.33
N LEU D 303 33.10 -8.34 4.20
CA LEU D 303 32.54 -7.93 5.49
C LEU D 303 31.36 -6.99 5.25
N THR D 304 30.35 -7.08 6.12
CA THR D 304 29.23 -6.16 6.13
C THR D 304 29.71 -4.88 6.80
N ASN D 305 29.29 -3.73 6.23
CA ASN D 305 29.56 -2.41 6.79
C ASN D 305 31.06 -2.13 6.89
N ARG D 306 31.85 -2.56 5.89
CA ARG D 306 33.28 -2.28 5.94
C ARG D 306 33.53 -0.83 5.50
N VAL D 307 34.20 -0.08 6.38
CA VAL D 307 34.53 1.31 6.13
C VAL D 307 35.86 1.39 5.39
N VAL D 308 36.87 0.67 5.90
CA VAL D 308 38.17 0.53 5.22
C VAL D 308 38.81 -0.83 5.57
#